data_2C92
#
_entry.id   2C92
#
_cell.length_a   131.370
_cell.length_b   80.758
_cell.length_c   85.965
_cell.angle_alpha   90.00
_cell.angle_beta   120.18
_cell.angle_gamma   90.00
#
_symmetry.space_group_name_H-M   'C 1 2 1'
#
loop_
_entity.id
_entity.type
_entity.pdbx_description
1 polymer '6,7-DIMETHYL-8-RIBITYLLUMAZINE SYNTHASE'
2 non-polymer '3-(1,3,7-TRIHYDRO-9-D-RIBITYL-2,6,8-PURINETRIONE-7-YL) 1-PHOSPHATE'
3 non-polymer 'POTASSIUM ION'
4 non-polymer (2R,3S)-1,4-DIMERCAPTOBUTANE-2,3-DIOL
5 non-polymer (4S)-2-METHYL-2,4-PENTANEDIOL
6 water water
#
_entity_poly.entity_id   1
_entity_poly.type   'polypeptide(L)'
_entity_poly.pdbx_seq_one_letter_code
;MKGGAGVPDLPSLDASGVRLAIVASSWHGKICDALLDGARKVAAGCGLDDPTVVRVLGAIEIPVVAQELARNHDAVVALG
VVIRGQTPHFDYVCDAVTQGLTRVSLDSSTPIANGVLTTNTEEQALDRAGLPTSAEDKGAQATVAALATALTLRELRAHS
;
_entity_poly.pdbx_strand_id   A,B,C,D,E
#
loop_
_chem_comp.id
_chem_comp.type
_chem_comp.name
_chem_comp.formula
DTU non-polymer (2R,3S)-1,4-DIMERCAPTOBUTANE-2,3-DIOL 'C4 H10 O2 S2'
K non-polymer 'POTASSIUM ION' 'K 1'
MPD non-polymer (4S)-2-METHYL-2,4-PENTANEDIOL 'C6 H14 O2'
TP6 non-polymer '3-(1,3,7-TRIHYDRO-9-D-RIBITYL-2,6,8-PURINETRIONE-7-YL) 1-PHOSPHATE' 'C15 H25 N4 O11 P'
#
# COMPACT_ATOMS: atom_id res chain seq x y z
N ASP A 14 -6.80 -0.09 -34.96
CA ASP A 14 -6.91 -1.54 -35.38
C ASP A 14 -7.18 -2.42 -34.15
N ALA A 15 -6.13 -2.79 -33.44
CA ALA A 15 -6.19 -3.66 -32.24
C ALA A 15 -6.57 -5.13 -32.49
N SER A 16 -6.75 -5.53 -33.75
CA SER A 16 -7.17 -6.91 -34.04
C SER A 16 -6.15 -7.99 -33.65
N GLY A 17 -4.89 -7.61 -33.47
CA GLY A 17 -3.87 -8.55 -33.02
C GLY A 17 -3.65 -8.57 -31.51
N VAL A 18 -4.46 -7.82 -30.78
CA VAL A 18 -4.30 -7.73 -29.33
C VAL A 18 -4.94 -8.98 -28.72
N ARG A 19 -4.20 -9.62 -27.81
CA ARG A 19 -4.71 -10.76 -27.06
C ARG A 19 -5.33 -10.20 -25.81
N LEU A 20 -6.65 -10.24 -25.76
CA LEU A 20 -7.38 -9.61 -24.68
C LEU A 20 -8.03 -10.64 -23.80
N ALA A 21 -7.93 -10.42 -22.49
CA ALA A 21 -8.67 -11.21 -21.51
C ALA A 21 -9.57 -10.30 -20.71
N ILE A 22 -10.73 -10.84 -20.33
CA ILE A 22 -11.68 -10.11 -19.52
C ILE A 22 -12.04 -10.98 -18.37
N VAL A 23 -11.87 -10.46 -17.15
CA VAL A 23 -12.28 -11.18 -15.96
C VAL A 23 -13.35 -10.35 -15.27
N ALA A 24 -14.53 -10.94 -15.05
CA ALA A 24 -15.67 -10.20 -14.51
C ALA A 24 -16.19 -10.87 -13.28
N SER A 25 -16.40 -10.09 -12.23
CA SER A 25 -16.97 -10.59 -11.00
C SER A 25 -18.48 -10.66 -11.18
N SER A 26 -19.12 -11.67 -10.59
CA SER A 26 -20.55 -11.93 -10.78
C SER A 26 -21.43 -11.43 -9.63
N TRP A 27 -20.81 -10.80 -8.63
CA TRP A 27 -21.52 -10.42 -7.41
C TRP A 27 -22.89 -9.78 -7.65
N HIS A 28 -22.89 -8.68 -8.39
CA HIS A 28 -24.15 -8.08 -8.83
C HIS A 28 -24.34 -8.48 -10.30
N GLY A 29 -25.00 -9.61 -10.48
CA GLY A 29 -25.09 -10.29 -11.78
C GLY A 29 -25.58 -9.46 -12.95
N LYS A 30 -26.71 -8.78 -12.77
CA LYS A 30 -27.26 -7.98 -13.84
C LYS A 30 -26.26 -6.89 -14.28
N ILE A 31 -25.63 -6.23 -13.31
CA ILE A 31 -24.70 -5.16 -13.64
C ILE A 31 -23.42 -5.74 -14.22
N CYS A 32 -22.95 -6.85 -13.67
CA CYS A 32 -21.74 -7.48 -14.19
C CYS A 32 -21.96 -7.98 -15.64
N ASP A 33 -23.12 -8.60 -15.89
CA ASP A 33 -23.47 -9.02 -17.25
C ASP A 33 -23.49 -7.85 -18.24
N ALA A 34 -23.97 -6.70 -17.77
CA ALA A 34 -23.97 -5.51 -18.59
C ALA A 34 -22.56 -4.97 -18.87
N LEU A 35 -21.71 -4.91 -17.83
CA LEU A 35 -20.32 -4.48 -18.03
C LEU A 35 -19.61 -5.41 -19.01
N LEU A 36 -19.87 -6.70 -18.87
CA LEU A 36 -19.25 -7.70 -19.75
C LEU A 36 -19.73 -7.57 -21.18
N ASP A 37 -21.03 -7.35 -21.35
CA ASP A 37 -21.57 -7.06 -22.66
C ASP A 37 -20.88 -5.86 -23.31
N GLY A 38 -20.66 -4.80 -22.53
CA GLY A 38 -20.01 -3.61 -23.07
C GLY A 38 -18.58 -3.86 -23.47
N ALA A 39 -17.85 -4.57 -22.60
CA ALA A 39 -16.48 -4.95 -22.91
C ALA A 39 -16.40 -5.82 -24.16
N ARG A 40 -17.25 -6.85 -24.24
CA ARG A 40 -17.23 -7.75 -25.38
C ARG A 40 -17.60 -7.03 -26.67
N LYS A 41 -18.53 -6.07 -26.58
CA LYS A 41 -18.92 -5.31 -27.77
C LYS A 41 -17.79 -4.40 -28.26
N VAL A 42 -17.05 -3.77 -27.34
CA VAL A 42 -15.87 -2.99 -27.74
C VAL A 42 -14.85 -3.89 -28.41
N ALA A 43 -14.59 -5.05 -27.81
CA ALA A 43 -13.61 -5.96 -28.36
C ALA A 43 -14.04 -6.39 -29.76
N ALA A 44 -15.31 -6.77 -29.89
CA ALA A 44 -15.88 -7.20 -31.18
C ALA A 44 -15.75 -6.09 -32.21
N GLY A 45 -16.12 -4.88 -31.79
CA GLY A 45 -16.03 -3.69 -32.63
C GLY A 45 -14.62 -3.41 -33.09
N CYS A 46 -13.63 -3.78 -32.28
CA CYS A 46 -12.21 -3.52 -32.59
C CYS A 46 -11.54 -4.70 -33.29
N GLY A 47 -12.33 -5.70 -33.66
CA GLY A 47 -11.84 -6.83 -34.43
C GLY A 47 -11.45 -8.04 -33.61
N LEU A 48 -11.84 -8.05 -32.32
CA LEU A 48 -11.68 -9.21 -31.42
C LEU A 48 -13.03 -9.82 -31.01
N ASP A 49 -13.41 -10.90 -31.71
CA ASP A 49 -14.67 -11.63 -31.44
C ASP A 49 -14.47 -12.72 -30.43
N ASP A 50 -13.25 -12.75 -29.89
CA ASP A 50 -12.61 -13.93 -29.39
C ASP A 50 -11.95 -13.77 -28.01
N PRO A 51 -12.28 -12.73 -27.23
CA PRO A 51 -11.45 -12.58 -26.03
C PRO A 51 -11.64 -13.72 -25.02
N THR A 52 -10.62 -13.97 -24.23
CA THR A 52 -10.76 -14.91 -23.14
C THR A 52 -11.59 -14.28 -22.05
N VAL A 53 -12.70 -14.93 -21.71
CA VAL A 53 -13.62 -14.38 -20.71
C VAL A 53 -13.72 -15.36 -19.56
N VAL A 54 -13.49 -14.85 -18.36
CA VAL A 54 -13.49 -15.67 -17.17
C VAL A 54 -14.38 -14.98 -16.14
N ARG A 55 -15.26 -15.74 -15.50
CA ARG A 55 -16.09 -15.18 -14.42
C ARG A 55 -15.53 -15.58 -13.08
N VAL A 56 -15.55 -14.65 -12.14
CA VAL A 56 -15.21 -14.93 -10.77
C VAL A 56 -16.39 -14.49 -9.92
N LEU A 57 -16.43 -14.95 -8.69
CA LEU A 57 -17.57 -14.62 -7.83
C LEU A 57 -17.53 -13.15 -7.39
N GLY A 58 -16.44 -12.72 -6.76
CA GLY A 58 -16.36 -11.36 -6.25
C GLY A 58 -15.16 -10.59 -6.74
N ALA A 59 -15.19 -9.28 -6.53
CA ALA A 59 -14.09 -8.40 -6.94
C ALA A 59 -12.76 -8.82 -6.33
N ILE A 60 -12.80 -9.35 -5.13
CA ILE A 60 -11.55 -9.73 -4.47
C ILE A 60 -10.84 -10.85 -5.22
N GLU A 61 -11.61 -11.67 -5.95
CA GLU A 61 -11.02 -12.79 -6.69
C GLU A 61 -10.40 -12.36 -8.04
N ILE A 62 -10.68 -11.13 -8.44
CA ILE A 62 -10.21 -10.64 -9.72
C ILE A 62 -8.67 -10.65 -9.87
N PRO A 63 -7.91 -10.03 -8.93
CA PRO A 63 -6.46 -9.90 -9.18
C PRO A 63 -5.72 -11.22 -9.40
N VAL A 64 -6.06 -12.27 -8.64
CA VAL A 64 -5.31 -13.55 -8.84
C VAL A 64 -5.61 -14.16 -10.19
N VAL A 65 -6.83 -13.97 -10.69
CA VAL A 65 -7.20 -14.51 -12.00
C VAL A 65 -6.60 -13.60 -13.08
N ALA A 66 -6.59 -12.29 -12.82
CA ALA A 66 -5.93 -11.35 -13.76
C ALA A 66 -4.44 -11.67 -13.87
N GLN A 67 -3.83 -12.05 -12.76
CA GLN A 67 -2.42 -12.42 -12.79
C GLN A 67 -2.17 -13.61 -13.72
N GLU A 68 -3.04 -14.61 -13.65
CA GLU A 68 -2.90 -15.77 -14.53
C GLU A 68 -3.13 -15.34 -15.97
N LEU A 69 -4.17 -14.53 -16.19
CA LEU A 69 -4.50 -14.11 -17.55
C LEU A 69 -3.38 -13.29 -18.19
N ALA A 70 -2.70 -12.48 -17.38
CA ALA A 70 -1.64 -11.62 -17.92
C ALA A 70 -0.44 -12.41 -18.45
N ARG A 71 -0.29 -13.67 -18.04
CA ARG A 71 0.78 -14.54 -18.60
C ARG A 71 0.58 -14.90 -20.08
N ASN A 72 -0.65 -14.76 -20.58
CA ASN A 72 -1.03 -15.28 -21.91
C ASN A 72 -1.73 -14.23 -22.75
N HIS A 73 -1.76 -12.99 -22.25
CA HIS A 73 -2.51 -11.91 -22.90
C HIS A 73 -1.76 -10.59 -22.87
N ASP A 74 -2.11 -9.69 -23.79
CA ASP A 74 -1.52 -8.36 -23.91
C ASP A 74 -2.21 -7.32 -23.04
N ALA A 75 -3.42 -7.65 -22.63
CA ALA A 75 -4.18 -6.77 -21.79
C ALA A 75 -5.28 -7.56 -21.10
N VAL A 76 -5.62 -7.13 -19.90
CA VAL A 76 -6.71 -7.74 -19.14
C VAL A 76 -7.65 -6.63 -18.71
N VAL A 77 -8.95 -6.86 -18.90
CA VAL A 77 -9.97 -5.94 -18.40
C VAL A 77 -10.62 -6.56 -17.18
N ALA A 78 -10.60 -5.82 -16.06
CA ALA A 78 -11.21 -6.25 -14.82
C ALA A 78 -12.57 -5.58 -14.71
N LEU A 79 -13.60 -6.39 -14.54
CA LEU A 79 -14.97 -5.86 -14.46
C LEU A 79 -15.65 -6.29 -13.21
N GLY A 80 -16.45 -5.41 -12.65
CA GLY A 80 -17.21 -5.78 -11.48
C GLY A 80 -17.87 -4.57 -10.88
N VAL A 81 -18.53 -4.80 -9.76
CA VAL A 81 -19.35 -3.77 -9.16
C VAL A 81 -19.27 -3.94 -7.67
N VAL A 82 -18.78 -2.89 -6.99
CA VAL A 82 -18.79 -2.89 -5.53
C VAL A 82 -19.70 -1.75 -5.10
N ILE A 83 -20.70 -2.05 -4.28
CA ILE A 83 -21.67 -1.03 -3.87
C ILE A 83 -21.68 -0.91 -2.35
N ARG A 84 -21.55 0.32 -1.85
CA ARG A 84 -21.42 0.50 -0.41
C ARG A 84 -22.64 -0.03 0.32
N GLY A 85 -22.39 -0.72 1.42
CA GLY A 85 -23.45 -1.23 2.30
C GLY A 85 -23.49 -0.41 3.57
N GLN A 86 -23.71 -1.09 4.70
CA GLN A 86 -23.89 -0.41 5.98
C GLN A 86 -22.62 -0.35 6.82
N THR A 87 -21.61 -1.14 6.45
CA THR A 87 -20.37 -1.24 7.20
C THR A 87 -19.19 -0.61 6.42
N PRO A 88 -17.99 -0.53 7.06
CA PRO A 88 -16.78 -0.11 6.35
C PRO A 88 -16.30 -1.09 5.30
N HIS A 89 -16.94 -2.26 5.17
CA HIS A 89 -16.42 -3.32 4.34
C HIS A 89 -16.13 -2.90 2.90
N PHE A 90 -17.02 -2.09 2.34
CA PHE A 90 -16.82 -1.50 1.02
C PHE A 90 -15.41 -0.95 0.82
N ASP A 91 -14.91 -0.19 1.81
CA ASP A 91 -13.59 0.46 1.68
C ASP A 91 -12.51 -0.59 1.46
N TYR A 92 -12.61 -1.69 2.20
CA TYR A 92 -11.57 -2.71 2.17
C TYR A 92 -11.62 -3.54 0.92
N VAL A 93 -12.84 -3.81 0.41
CA VAL A 93 -12.98 -4.53 -0.83
C VAL A 93 -12.32 -3.70 -1.93
N CYS A 94 -12.64 -2.41 -1.94
CA CYS A 94 -12.06 -1.54 -2.97
C CYS A 94 -10.54 -1.36 -2.85
N ASP A 95 -10.04 -1.22 -1.61
CA ASP A 95 -8.59 -1.15 -1.38
C ASP A 95 -7.90 -2.39 -1.92
N ALA A 96 -8.46 -3.57 -1.66
CA ALA A 96 -7.86 -4.84 -2.11
C ALA A 96 -7.78 -4.87 -3.64
N VAL A 97 -8.87 -4.50 -4.29
CA VAL A 97 -8.90 -4.52 -5.75
C VAL A 97 -7.86 -3.54 -6.31
N THR A 98 -7.83 -2.34 -5.75
CA THR A 98 -6.91 -1.32 -6.21
C THR A 98 -5.46 -1.76 -6.02
N GLN A 99 -5.13 -2.26 -4.85
CA GLN A 99 -3.75 -2.71 -4.58
C GLN A 99 -3.38 -3.90 -5.48
N GLY A 100 -4.32 -4.83 -5.64
CA GLY A 100 -4.07 -6.06 -6.41
C GLY A 100 -3.89 -5.81 -7.88
N LEU A 101 -4.81 -5.05 -8.47
CA LEU A 101 -4.72 -4.79 -9.90
C LEU A 101 -3.47 -3.98 -10.24
N THR A 102 -3.13 -3.04 -9.35
CA THR A 102 -1.95 -2.22 -9.59
C THR A 102 -0.71 -3.08 -9.52
N ARG A 103 -0.64 -3.97 -8.52
CA ARG A 103 0.50 -4.88 -8.47
C ARG A 103 0.59 -5.78 -9.69
N VAL A 104 -0.55 -6.38 -10.08
CA VAL A 104 -0.56 -7.30 -11.23
C VAL A 104 -0.05 -6.60 -12.48
N SER A 105 -0.52 -5.39 -12.73
CA SER A 105 -0.12 -4.64 -13.93
C SER A 105 1.39 -4.45 -13.98
N LEU A 106 1.99 -4.08 -12.84
CA LEU A 106 3.43 -3.77 -12.85
C LEU A 106 4.32 -5.02 -12.78
N ASP A 107 3.86 -6.05 -12.05
CA ASP A 107 4.55 -7.34 -12.08
C ASP A 107 4.63 -7.92 -13.48
N SER A 108 3.52 -7.84 -14.21
CA SER A 108 3.42 -8.51 -15.51
C SER A 108 3.72 -7.57 -16.67
N SER A 109 3.96 -6.29 -16.34
CA SER A 109 4.11 -5.24 -17.35
C SER A 109 3.00 -5.31 -18.41
N THR A 110 1.76 -5.54 -17.94
CA THR A 110 0.59 -5.69 -18.79
C THR A 110 -0.50 -4.75 -18.27
N PRO A 111 -1.16 -4.02 -19.19
CA PRO A 111 -2.26 -3.17 -18.72
C PRO A 111 -3.36 -4.04 -18.09
N ILE A 112 -3.79 -3.65 -16.90
CA ILE A 112 -4.94 -4.29 -16.28
C ILE A 112 -5.95 -3.18 -16.11
N ALA A 113 -6.91 -3.11 -17.03
CA ALA A 113 -7.82 -1.98 -17.06
C ALA A 113 -8.87 -2.10 -15.97
N ASN A 114 -9.17 -0.98 -15.31
CA ASN A 114 -10.11 -1.02 -14.18
C ASN A 114 -11.52 -0.67 -14.63
N GLY A 115 -12.34 -1.70 -14.77
CA GLY A 115 -13.78 -1.51 -15.01
C GLY A 115 -14.57 -2.02 -13.83
N VAL A 116 -14.03 -1.83 -12.64
CA VAL A 116 -14.70 -2.21 -11.40
C VAL A 116 -15.36 -0.97 -10.84
N LEU A 117 -16.69 -0.95 -10.87
CA LEU A 117 -17.44 0.17 -10.31
C LEU A 117 -17.36 0.17 -8.81
N THR A 118 -17.25 1.36 -8.23
CA THR A 118 -17.19 1.48 -6.79
C THR A 118 -18.14 2.62 -6.43
N THR A 119 -19.38 2.25 -6.11
CA THR A 119 -20.41 3.24 -5.93
C THR A 119 -21.02 3.24 -4.54
N ASN A 120 -21.71 4.32 -4.20
CA ASN A 120 -22.45 4.37 -2.94
C ASN A 120 -23.81 3.71 -3.06
N THR A 121 -24.40 3.73 -4.24
CA THR A 121 -25.75 3.16 -4.44
C THR A 121 -25.86 2.28 -5.66
N GLU A 122 -26.87 1.41 -5.66
CA GLU A 122 -27.18 0.56 -6.82
C GLU A 122 -27.56 1.39 -8.03
N GLU A 123 -28.31 2.47 -7.80
CA GLU A 123 -28.66 3.40 -8.87
C GLU A 123 -27.42 3.94 -9.57
N GLN A 124 -26.41 4.34 -8.80
CA GLN A 124 -25.15 4.83 -9.38
C GLN A 124 -24.49 3.77 -10.24
N ALA A 125 -24.47 2.55 -9.74
CA ALA A 125 -23.80 1.47 -10.49
C ALA A 125 -24.55 1.18 -11.76
N LEU A 126 -25.88 1.07 -11.67
CA LEU A 126 -26.71 0.83 -12.85
C LEU A 126 -26.47 1.91 -13.90
N ASP A 127 -26.28 3.13 -13.43
CA ASP A 127 -26.10 4.29 -14.32
C ASP A 127 -24.74 4.29 -15.03
N ARG A 128 -23.85 3.41 -14.57
CA ARG A 128 -22.48 3.34 -15.12
C ARG A 128 -22.15 2.00 -15.80
N ALA A 129 -23.15 1.14 -15.97
CA ALA A 129 -22.95 -0.21 -16.50
C ALA A 129 -23.34 -0.36 -17.95
N GLY A 130 -23.78 0.73 -18.58
CA GLY A 130 -24.24 0.66 -19.97
C GLY A 130 -25.43 -0.26 -20.17
N LEU A 131 -26.32 -0.30 -19.18
CA LEU A 131 -27.66 -0.88 -19.38
C LEU A 131 -28.44 0.09 -20.28
N PRO A 132 -29.64 -0.31 -20.76
CA PRO A 132 -30.31 0.60 -21.70
C PRO A 132 -30.40 2.08 -21.31
N THR A 133 -30.73 2.38 -20.05
CA THR A 133 -30.94 3.77 -19.59
C THR A 133 -29.72 4.41 -18.91
N SER A 134 -28.59 3.71 -18.93
CA SER A 134 -27.38 4.20 -18.28
C SER A 134 -26.75 5.40 -18.95
N ALA A 135 -26.17 6.28 -18.14
CA ALA A 135 -25.40 7.43 -18.61
C ALA A 135 -24.08 7.04 -19.26
N GLU A 136 -23.49 5.94 -18.79
CA GLU A 136 -22.21 5.51 -19.34
C GLU A 136 -22.01 4.02 -19.18
N ASP A 137 -20.94 3.52 -19.81
CA ASP A 137 -20.58 2.11 -19.69
C ASP A 137 -19.11 1.98 -19.36
N LYS A 138 -18.85 1.77 -18.08
CA LYS A 138 -17.46 1.65 -17.62
C LYS A 138 -16.76 0.41 -18.16
N GLY A 139 -17.52 -0.63 -18.53
CA GLY A 139 -16.90 -1.86 -19.05
C GLY A 139 -16.37 -1.60 -20.44
N ALA A 140 -17.16 -0.90 -21.26
CA ALA A 140 -16.72 -0.43 -22.55
C ALA A 140 -15.49 0.47 -22.43
N GLN A 141 -15.55 1.46 -21.53
CA GLN A 141 -14.43 2.41 -21.34
C GLN A 141 -13.14 1.66 -20.96
N ALA A 142 -13.27 0.71 -20.06
CA ALA A 142 -12.11 -0.05 -19.57
C ALA A 142 -11.49 -0.84 -20.72
N THR A 143 -12.34 -1.35 -21.62
CA THR A 143 -11.84 -2.18 -22.71
C THR A 143 -11.07 -1.32 -23.72
N VAL A 144 -11.57 -0.11 -23.98
CA VAL A 144 -10.86 0.81 -24.86
C VAL A 144 -9.48 1.12 -24.26
N ALA A 145 -9.44 1.37 -22.96
CA ALA A 145 -8.19 1.73 -22.30
C ALA A 145 -7.18 0.58 -22.38
N ALA A 146 -7.66 -0.64 -22.14
CA ALA A 146 -6.82 -1.83 -22.20
C ALA A 146 -6.19 -1.97 -23.57
N LEU A 147 -7.05 -1.90 -24.60
CA LEU A 147 -6.58 -2.11 -25.97
C LEU A 147 -5.62 -1.01 -26.39
N ALA A 148 -5.92 0.25 -26.07
CA ALA A 148 -5.08 1.38 -26.45
C ALA A 148 -3.71 1.23 -25.80
N THR A 149 -3.70 0.84 -24.53
CA THR A 149 -2.44 0.76 -23.81
C THR A 149 -1.60 -0.40 -24.35
N ALA A 150 -2.24 -1.52 -24.68
CA ALA A 150 -1.52 -2.66 -25.25
C ALA A 150 -0.87 -2.25 -26.56
N LEU A 151 -1.62 -1.49 -27.38
CA LEU A 151 -1.06 -1.08 -28.67
C LEU A 151 0.15 -0.14 -28.45
N THR A 152 0.00 0.80 -27.51
CA THR A 152 1.09 1.70 -27.13
C THR A 152 2.34 0.96 -26.66
N LEU A 153 2.15 -0.02 -25.80
CA LEU A 153 3.30 -0.78 -25.29
C LEU A 153 3.98 -1.57 -26.39
N ARG A 154 3.18 -2.07 -27.32
CA ARG A 154 3.74 -2.85 -28.43
C ARG A 154 4.69 -1.99 -29.25
N GLU A 155 4.30 -0.73 -29.45
CA GLU A 155 5.11 0.22 -30.22
C GLU A 155 6.35 0.67 -29.45
N LEU A 156 6.21 0.83 -28.14
CA LEU A 156 7.35 1.25 -27.33
C LEU A 156 8.41 0.16 -27.22
N ARG A 157 7.99 -1.09 -27.27
CA ARG A 157 8.90 -2.20 -27.02
C ARG A 157 9.64 -2.64 -28.28
N ALA A 158 10.44 -3.70 -28.17
CA ALA A 158 11.39 -4.07 -29.22
C ALA A 158 10.70 -4.53 -30.49
N HIS A 159 11.07 -3.88 -31.58
CA HIS A 159 10.71 -4.31 -32.92
C HIS A 159 11.73 -3.62 -33.83
N SER A 160 12.17 -4.31 -34.87
CA SER A 160 13.38 -3.90 -35.62
C SER A 160 13.68 -4.84 -36.78
N ASP B 14 -18.06 -29.60 -9.35
CA ASP B 14 -17.67 -30.16 -8.02
C ASP B 14 -16.23 -29.81 -7.69
N ALA B 15 -15.96 -29.55 -6.41
CA ALA B 15 -14.63 -29.17 -6.00
C ALA B 15 -13.87 -30.31 -5.30
N SER B 16 -14.32 -31.55 -5.47
CA SER B 16 -13.79 -32.65 -4.65
C SER B 16 -12.28 -32.87 -4.74
N GLY B 17 -11.65 -32.33 -5.79
CA GLY B 17 -10.20 -32.42 -5.93
C GLY B 17 -9.43 -31.17 -5.49
N VAL B 18 -10.13 -30.12 -5.07
CA VAL B 18 -9.38 -28.93 -4.64
C VAL B 18 -8.93 -29.03 -3.19
N ARG B 19 -7.71 -28.57 -2.93
CA ARG B 19 -7.16 -28.61 -1.59
C ARG B 19 -7.45 -27.29 -0.93
N LEU B 20 -8.33 -27.32 0.07
CA LEU B 20 -8.81 -26.11 0.70
C LEU B 20 -8.25 -25.98 2.10
N ALA B 21 -7.78 -24.78 2.42
CA ALA B 21 -7.41 -24.45 3.77
C ALA B 21 -8.24 -23.28 4.25
N ILE B 22 -8.55 -23.29 5.54
CA ILE B 22 -9.29 -22.20 6.16
C ILE B 22 -8.48 -21.72 7.35
N VAL B 23 -8.22 -20.42 7.42
CA VAL B 23 -7.55 -19.81 8.58
C VAL B 23 -8.50 -18.82 9.22
N ALA B 24 -8.80 -19.02 10.51
CA ALA B 24 -9.86 -18.26 11.14
C ALA B 24 -9.33 -17.60 12.40
N SER B 25 -9.53 -16.30 12.53
CA SER B 25 -9.17 -15.59 13.74
C SER B 25 -10.25 -15.82 14.76
N SER B 26 -9.86 -16.06 16.00
CA SER B 26 -10.84 -16.38 17.04
C SER B 26 -11.11 -15.24 18.02
N TRP B 27 -10.67 -14.02 17.66
CA TRP B 27 -10.86 -12.85 18.50
C TRP B 27 -12.28 -12.72 19.03
N HIS B 28 -13.25 -12.72 18.12
CA HIS B 28 -14.66 -12.82 18.47
C HIS B 28 -15.10 -14.27 18.19
N GLY B 29 -14.98 -15.11 19.21
CA GLY B 29 -15.18 -16.55 19.09
C GLY B 29 -16.50 -17.05 18.52
N LYS B 30 -17.62 -16.50 18.99
CA LYS B 30 -18.94 -16.94 18.50
C LYS B 30 -19.09 -16.72 17.02
N ILE B 31 -18.79 -15.49 16.59
CA ILE B 31 -18.95 -15.15 15.18
C ILE B 31 -17.97 -15.96 14.34
N CYS B 32 -16.73 -16.13 14.82
CA CYS B 32 -15.77 -16.99 14.15
C CYS B 32 -16.34 -18.41 13.93
N ASP B 33 -16.89 -18.98 15.00
CA ASP B 33 -17.52 -20.29 14.91
C ASP B 33 -18.56 -20.37 13.79
N ALA B 34 -19.38 -19.33 13.70
CA ALA B 34 -20.46 -19.30 12.76
C ALA B 34 -19.87 -19.21 11.34
N LEU B 35 -18.91 -18.32 11.13
CA LEU B 35 -18.26 -18.22 9.84
C LEU B 35 -17.63 -19.54 9.41
N LEU B 36 -16.94 -20.19 10.35
CA LEU B 36 -16.29 -21.46 10.08
C LEU B 36 -17.32 -22.53 9.73
N ASP B 37 -18.47 -22.52 10.41
CA ASP B 37 -19.54 -23.46 10.12
C ASP B 37 -20.05 -23.28 8.68
N GLY B 38 -20.26 -22.03 8.26
CA GLY B 38 -20.70 -21.78 6.90
C GLY B 38 -19.66 -22.24 5.92
N ALA B 39 -18.39 -21.96 6.20
CA ALA B 39 -17.30 -22.38 5.31
C ALA B 39 -17.25 -23.88 5.15
N ARG B 40 -17.34 -24.60 6.28
CA ARG B 40 -17.28 -26.04 6.25
C ARG B 40 -18.48 -26.66 5.50
N LYS B 41 -19.65 -26.07 5.67
CA LYS B 41 -20.84 -26.59 4.99
C LYS B 41 -20.73 -26.43 3.49
N VAL B 42 -20.23 -25.28 3.04
CA VAL B 42 -20.00 -25.09 1.61
C VAL B 42 -19.00 -26.14 1.12
N ALA B 43 -17.87 -26.28 1.82
CA ALA B 43 -16.84 -27.21 1.38
C ALA B 43 -17.42 -28.61 1.26
N ALA B 44 -18.18 -29.03 2.27
CA ALA B 44 -18.79 -30.36 2.27
C ALA B 44 -19.83 -30.54 1.16
N GLY B 45 -20.65 -29.51 0.92
CA GLY B 45 -21.63 -29.53 -0.15
C GLY B 45 -20.94 -29.73 -1.48
N CYS B 46 -19.74 -29.18 -1.60
CA CYS B 46 -18.91 -29.25 -2.80
C CYS B 46 -17.96 -30.45 -2.84
N GLY B 47 -18.15 -31.40 -1.95
CA GLY B 47 -17.37 -32.65 -1.94
C GLY B 47 -16.08 -32.67 -1.15
N LEU B 48 -15.86 -31.64 -0.33
CA LEU B 48 -14.67 -31.53 0.51
C LEU B 48 -15.01 -31.61 2.00
N ASP B 49 -14.89 -32.81 2.57
CA ASP B 49 -15.24 -33.05 3.96
C ASP B 49 -14.12 -32.71 4.94
N ASP B 50 -12.90 -32.55 4.44
CA ASP B 50 -11.76 -32.39 5.34
C ASP B 50 -10.79 -31.27 4.93
N PRO B 51 -11.27 -30.02 4.89
CA PRO B 51 -10.32 -28.91 4.63
C PRO B 51 -9.34 -28.73 5.79
N THR B 52 -8.16 -28.18 5.51
CA THR B 52 -7.22 -27.83 6.54
C THR B 52 -7.75 -26.61 7.27
N VAL B 53 -7.93 -26.73 8.58
CA VAL B 53 -8.43 -25.62 9.37
C VAL B 53 -7.41 -25.21 10.44
N VAL B 54 -7.05 -23.92 10.45
CA VAL B 54 -6.06 -23.38 11.36
C VAL B 54 -6.65 -22.17 12.06
N ARG B 55 -6.55 -22.14 13.38
CA ARG B 55 -7.04 -21.01 14.12
C ARG B 55 -5.88 -20.11 14.51
N VAL B 56 -6.11 -18.80 14.41
CA VAL B 56 -5.17 -17.80 14.93
C VAL B 56 -5.87 -16.85 15.91
N LEU B 57 -5.10 -16.08 16.67
CA LEU B 57 -5.66 -15.25 17.75
C LEU B 57 -6.22 -13.89 17.34
N GLY B 58 -5.75 -13.35 16.23
CA GLY B 58 -6.24 -12.09 15.78
C GLY B 58 -6.14 -11.96 14.29
N ALA B 59 -6.87 -11.00 13.75
CA ALA B 59 -6.90 -10.75 12.32
C ALA B 59 -5.50 -10.48 11.77
N ILE B 60 -4.67 -9.75 12.53
CA ILE B 60 -3.29 -9.39 12.14
C ILE B 60 -2.46 -10.63 11.83
N GLU B 61 -2.75 -11.73 12.53
CA GLU B 61 -2.00 -12.98 12.36
C GLU B 61 -2.42 -13.82 11.13
N ILE B 62 -3.51 -13.45 10.49
CA ILE B 62 -4.03 -14.24 9.40
C ILE B 62 -3.05 -14.31 8.21
N PRO B 63 -2.53 -13.15 7.74
CA PRO B 63 -1.71 -13.24 6.50
C PRO B 63 -0.50 -14.16 6.59
N VAL B 64 0.24 -14.15 7.70
CA VAL B 64 1.46 -14.96 7.72
C VAL B 64 1.11 -16.45 7.74
N VAL B 65 0.00 -16.80 8.38
CA VAL B 65 -0.46 -18.18 8.34
C VAL B 65 -1.06 -18.58 6.98
N ALA B 66 -1.82 -17.67 6.36
CA ALA B 66 -2.34 -17.89 5.02
C ALA B 66 -1.17 -18.11 4.06
N GLN B 67 -0.09 -17.38 4.28
CA GLN B 67 1.11 -17.52 3.45
C GLN B 67 1.62 -18.95 3.47
N GLU B 68 1.74 -19.49 4.69
CA GLU B 68 2.19 -20.85 4.88
C GLU B 68 1.20 -21.83 4.24
N LEU B 69 -0.10 -21.61 4.47
CA LEU B 69 -1.11 -22.53 3.93
C LEU B 69 -1.13 -22.60 2.43
N ALA B 70 -0.88 -21.44 1.81
CA ALA B 70 -0.87 -21.34 0.38
C ALA B 70 0.20 -22.21 -0.27
N ARG B 71 1.26 -22.56 0.46
CA ARG B 71 2.32 -23.49 -0.07
C ARG B 71 1.80 -24.92 -0.32
N ASN B 72 0.65 -25.27 0.27
CA ASN B 72 0.23 -26.67 0.28
C ASN B 72 -1.24 -26.82 -0.10
N HIS B 73 -1.88 -25.72 -0.54
CA HIS B 73 -3.31 -25.71 -0.88
C HIS B 73 -3.59 -24.93 -2.14
N ASP B 74 -4.73 -25.25 -2.75
CA ASP B 74 -5.22 -24.57 -3.94
C ASP B 74 -6.04 -23.31 -3.63
N ALA B 75 -6.52 -23.21 -2.40
CA ALA B 75 -7.30 -22.05 -1.99
C ALA B 75 -7.24 -21.97 -0.49
N VAL B 76 -7.23 -20.72 0.01
CA VAL B 76 -7.25 -20.42 1.43
C VAL B 76 -8.42 -19.48 1.69
N VAL B 77 -9.21 -19.81 2.70
CA VAL B 77 -10.30 -18.92 3.14
C VAL B 77 -9.86 -18.27 4.44
N ALA B 78 -9.85 -16.94 4.50
CA ALA B 78 -9.53 -16.21 5.73
C ALA B 78 -10.84 -15.80 6.36
N LEU B 79 -11.00 -16.16 7.63
CA LEU B 79 -12.22 -15.84 8.36
C LEU B 79 -11.88 -15.06 9.61
N GLY B 80 -12.72 -14.09 9.94
CA GLY B 80 -12.51 -13.32 11.16
C GLY B 80 -13.53 -12.21 11.27
N VAL B 81 -13.42 -11.44 12.35
CA VAL B 81 -14.35 -10.35 12.63
C VAL B 81 -13.55 -9.24 13.27
N VAL B 82 -13.54 -8.08 12.63
CA VAL B 82 -13.00 -6.88 13.23
C VAL B 82 -14.17 -5.91 13.41
N ILE B 83 -14.40 -5.52 14.66
CA ILE B 83 -15.49 -4.60 15.00
C ILE B 83 -14.89 -3.30 15.53
N ARG B 84 -15.36 -2.17 15.00
CA ARG B 84 -14.82 -0.87 15.38
C ARG B 84 -15.00 -0.58 16.87
N GLY B 85 -13.97 0.01 17.46
CA GLY B 85 -13.99 0.47 18.85
C GLY B 85 -14.02 1.99 18.94
N GLN B 86 -13.27 2.52 19.90
CA GLN B 86 -13.31 3.95 20.23
C GLN B 86 -12.20 4.77 19.58
N THR B 87 -11.17 4.06 19.09
CA THR B 87 -9.97 4.68 18.54
C THR B 87 -9.86 4.40 17.04
N PRO B 88 -8.90 5.04 16.36
CA PRO B 88 -8.62 4.74 14.95
C PRO B 88 -8.08 3.34 14.70
N HIS B 89 -7.86 2.55 15.75
CA HIS B 89 -7.14 1.28 15.60
C HIS B 89 -7.78 0.28 14.64
N PHE B 90 -9.12 0.24 14.63
CA PHE B 90 -9.89 -0.55 13.66
C PHE B 90 -9.36 -0.37 12.23
N ASP B 91 -9.10 0.89 11.87
CA ASP B 91 -8.71 1.21 10.50
C ASP B 91 -7.43 0.48 10.14
N TYR B 92 -6.47 0.47 11.07
CA TYR B 92 -5.13 -0.05 10.81
C TYR B 92 -5.08 -1.56 10.86
N VAL B 93 -5.91 -2.16 11.71
CA VAL B 93 -6.05 -3.62 11.69
C VAL B 93 -6.61 -4.06 10.34
N CYS B 94 -7.65 -3.37 9.90
CA CYS B 94 -8.28 -3.71 8.62
C CYS B 94 -7.32 -3.45 7.46
N ASP B 95 -6.56 -2.36 7.53
CA ASP B 95 -5.55 -2.07 6.49
C ASP B 95 -4.54 -3.19 6.41
N ALA B 96 -4.04 -3.62 7.56
CA ALA B 96 -3.04 -4.69 7.61
C ALA B 96 -3.58 -5.95 6.95
N VAL B 97 -4.84 -6.31 7.25
CA VAL B 97 -5.40 -7.56 6.74
C VAL B 97 -5.54 -7.48 5.24
N THR B 98 -6.11 -6.36 4.79
CA THR B 98 -6.27 -6.13 3.37
C THR B 98 -4.93 -6.19 2.64
N GLN B 99 -3.95 -5.45 3.15
CA GLN B 99 -2.62 -5.46 2.49
C GLN B 99 -1.97 -6.85 2.47
N GLY B 100 -2.07 -7.56 3.58
CA GLY B 100 -1.43 -8.84 3.74
C GLY B 100 -2.05 -9.92 2.88
N LEU B 101 -3.39 -10.04 2.90
CA LEU B 101 -4.06 -11.08 2.14
C LEU B 101 -3.89 -10.83 0.66
N THR B 102 -3.93 -9.57 0.27
CA THR B 102 -3.72 -9.21 -1.12
C THR B 102 -2.32 -9.63 -1.57
N ARG B 103 -1.30 -9.30 -0.77
CA ARG B 103 0.06 -9.72 -1.10
C ARG B 103 0.19 -11.25 -1.16
N VAL B 104 -0.38 -11.93 -0.18
CA VAL B 104 -0.20 -13.38 -0.14
C VAL B 104 -0.84 -14.05 -1.36
N SER B 105 -2.01 -13.57 -1.77
CA SER B 105 -2.68 -14.16 -2.92
C SER B 105 -1.80 -14.05 -4.17
N LEU B 106 -1.17 -12.91 -4.35
CA LEU B 106 -0.43 -12.69 -5.58
C LEU B 106 0.98 -13.29 -5.53
N ASP B 107 1.58 -13.28 -4.34
CA ASP B 107 2.87 -13.94 -4.18
C ASP B 107 2.76 -15.42 -4.47
N SER B 108 1.67 -16.03 -3.97
CA SER B 108 1.49 -17.48 -4.06
C SER B 108 0.65 -17.93 -5.24
N SER B 109 0.10 -16.97 -5.99
CA SER B 109 -0.80 -17.23 -7.10
C SER B 109 -1.91 -18.20 -6.68
N THR B 110 -2.48 -17.91 -5.51
CA THR B 110 -3.49 -18.76 -4.89
C THR B 110 -4.63 -17.86 -4.40
N PRO B 111 -5.88 -18.27 -4.65
CA PRO B 111 -6.97 -17.43 -4.10
C PRO B 111 -6.92 -17.46 -2.58
N ILE B 112 -6.96 -16.27 -1.99
CA ILE B 112 -7.05 -16.11 -0.55
C ILE B 112 -8.36 -15.36 -0.32
N ALA B 113 -9.43 -16.09 -0.05
CA ALA B 113 -10.74 -15.46 0.02
C ALA B 113 -10.88 -14.68 1.33
N ASN B 114 -11.45 -13.47 1.25
CA ASN B 114 -11.62 -12.61 2.43
C ASN B 114 -13.01 -12.81 3.04
N GLY B 115 -13.04 -13.63 4.08
CA GLY B 115 -14.22 -13.83 4.92
C GLY B 115 -14.03 -13.11 6.25
N VAL B 116 -13.31 -11.99 6.21
CA VAL B 116 -13.03 -11.23 7.44
C VAL B 116 -14.02 -10.07 7.49
N LEU B 117 -14.96 -10.17 8.41
CA LEU B 117 -15.94 -9.11 8.59
C LEU B 117 -15.28 -7.87 9.16
N THR B 118 -15.73 -6.72 8.69
CA THR B 118 -15.22 -5.46 9.18
C THR B 118 -16.42 -4.57 9.42
N THR B 119 -16.93 -4.57 10.66
CA THR B 119 -18.20 -3.92 10.96
C THR B 119 -18.06 -2.82 11.98
N ASN B 120 -19.04 -1.95 12.05
CA ASN B 120 -19.07 -0.95 13.11
C ASN B 120 -19.62 -1.51 14.40
N THR B 121 -20.52 -2.50 14.29
CA THR B 121 -21.17 -3.07 15.48
C THR B 121 -21.18 -4.58 15.48
N GLU B 122 -21.36 -5.14 16.67
CA GLU B 122 -21.52 -6.58 16.84
C GLU B 122 -22.78 -7.13 16.15
N GLU B 123 -23.87 -6.38 16.23
CA GLU B 123 -25.13 -6.73 15.54
C GLU B 123 -24.88 -6.92 14.05
N GLN B 124 -24.13 -5.98 13.45
CA GLN B 124 -23.84 -6.08 12.02
C GLN B 124 -23.06 -7.35 11.74
N ALA B 125 -22.08 -7.65 12.59
CA ALA B 125 -21.27 -8.83 12.37
C ALA B 125 -22.10 -10.11 12.50
N LEU B 126 -22.97 -10.16 13.50
CA LEU B 126 -23.88 -11.30 13.68
C LEU B 126 -24.81 -11.49 12.48
N ASP B 127 -25.27 -10.39 11.89
CA ASP B 127 -26.18 -10.42 10.77
C ASP B 127 -25.52 -10.91 9.48
N ARG B 128 -24.20 -11.04 9.51
CA ARG B 128 -23.40 -11.44 8.33
C ARG B 128 -22.64 -12.75 8.51
N ALA B 129 -22.91 -13.47 9.61
CA ALA B 129 -22.15 -14.67 9.96
C ALA B 129 -22.94 -15.96 9.77
N GLY B 130 -24.12 -15.84 9.16
CA GLY B 130 -24.94 -17.00 8.83
C GLY B 130 -25.45 -17.76 10.05
N LEU B 131 -25.78 -17.03 11.11
CA LEU B 131 -26.56 -17.57 12.23
C LEU B 131 -28.00 -17.75 11.74
N PRO B 132 -28.84 -18.48 12.49
CA PRO B 132 -30.20 -18.72 11.98
C PRO B 132 -30.99 -17.51 11.47
N THR B 133 -30.93 -16.37 12.16
CA THR B 133 -31.67 -15.20 11.71
C THR B 133 -30.81 -14.19 10.95
N SER B 134 -29.61 -14.61 10.54
CA SER B 134 -28.70 -13.72 9.82
C SER B 134 -29.18 -13.47 8.42
N ALA B 135 -28.92 -12.26 7.93
CA ALA B 135 -29.22 -11.89 6.56
C ALA B 135 -28.32 -12.61 5.56
N GLU B 136 -27.08 -12.89 5.97
CA GLU B 136 -26.11 -13.50 5.08
C GLU B 136 -25.04 -14.26 5.84
N ASP B 137 -24.27 -15.06 5.11
CA ASP B 137 -23.19 -15.81 5.71
C ASP B 137 -21.93 -15.55 4.92
N LYS B 138 -21.11 -14.62 5.40
CA LYS B 138 -19.85 -14.29 4.71
C LYS B 138 -18.85 -15.44 4.67
N GLY B 139 -18.86 -16.31 5.68
CA GLY B 139 -17.97 -17.47 5.67
C GLY B 139 -18.31 -18.44 4.54
N ALA B 140 -19.60 -18.68 4.34
CA ALA B 140 -20.07 -19.49 3.21
C ALA B 140 -19.72 -18.83 1.86
N GLN B 141 -20.00 -17.54 1.75
CA GLN B 141 -19.71 -16.77 0.53
C GLN B 141 -18.22 -16.84 0.20
N ALA B 142 -17.36 -16.60 1.19
CA ALA B 142 -15.90 -16.64 0.98
C ALA B 142 -15.45 -17.99 0.50
N THR B 143 -16.11 -19.05 0.97
CA THR B 143 -15.70 -20.41 0.60
C THR B 143 -16.11 -20.75 -0.81
N VAL B 144 -17.32 -20.34 -1.20
CA VAL B 144 -17.77 -20.49 -2.58
C VAL B 144 -16.74 -19.79 -3.47
N ALA B 145 -16.34 -18.58 -3.08
CA ALA B 145 -15.40 -17.81 -3.90
C ALA B 145 -14.07 -18.52 -4.01
N ALA B 146 -13.53 -18.98 -2.88
CA ALA B 146 -12.21 -19.64 -2.90
C ALA B 146 -12.25 -20.85 -3.83
N LEU B 147 -13.30 -21.67 -3.72
CA LEU B 147 -13.40 -22.93 -4.47
C LEU B 147 -13.60 -22.67 -5.95
N ALA B 148 -14.52 -21.74 -6.27
CA ALA B 148 -14.82 -21.42 -7.66
C ALA B 148 -13.55 -20.89 -8.31
N THR B 149 -12.83 -20.03 -7.59
CA THR B 149 -11.58 -19.46 -8.15
C THR B 149 -10.48 -20.51 -8.36
N ALA B 150 -10.36 -21.44 -7.41
CA ALA B 150 -9.41 -22.55 -7.57
C ALA B 150 -9.77 -23.38 -8.80
N LEU B 151 -11.06 -23.65 -8.99
CA LEU B 151 -11.50 -24.49 -10.12
C LEU B 151 -11.20 -23.77 -11.43
N THR B 152 -11.51 -22.47 -11.43
CA THR B 152 -11.19 -21.60 -12.56
C THR B 152 -9.69 -21.56 -12.89
N LEU B 153 -8.85 -21.39 -11.87
CA LEU B 153 -7.40 -21.34 -12.13
C LEU B 153 -6.91 -22.68 -12.66
N ARG B 154 -7.42 -23.78 -12.12
CA ARG B 154 -6.99 -25.11 -12.58
C ARG B 154 -7.28 -25.33 -14.08
N GLU B 155 -8.41 -24.81 -14.55
CA GLU B 155 -8.78 -24.90 -15.96
C GLU B 155 -7.97 -23.93 -16.82
N LEU B 156 -7.68 -22.74 -16.28
CA LEU B 156 -6.85 -21.78 -17.02
C LEU B 156 -5.40 -22.28 -17.17
N ARG B 157 -4.91 -22.98 -16.16
CA ARG B 157 -3.51 -23.41 -16.16
C ARG B 157 -3.27 -24.68 -16.98
N ALA B 158 -2.03 -25.17 -16.96
CA ALA B 158 -1.62 -26.27 -17.83
C ALA B 158 -2.28 -27.61 -17.54
N HIS B 159 -2.90 -28.17 -18.58
CA HIS B 159 -3.42 -29.52 -18.53
C HIS B 159 -3.53 -30.08 -19.94
N SER B 160 -3.56 -31.40 -20.04
CA SER B 160 -3.65 -32.13 -21.30
C SER B 160 -4.64 -33.28 -21.12
N ASP C 14 2.90 -25.47 24.62
CA ASP C 14 4.21 -25.11 25.23
C ASP C 14 5.03 -24.15 24.35
N ALA C 15 5.19 -22.92 24.84
CA ALA C 15 5.86 -21.84 24.08
C ALA C 15 7.27 -21.54 24.57
N SER C 16 7.81 -22.38 25.45
CA SER C 16 9.12 -22.11 26.07
C SER C 16 10.29 -22.11 25.10
N GLY C 17 10.14 -22.79 23.96
CA GLY C 17 11.20 -22.88 22.95
C GLY C 17 11.14 -21.83 21.86
N VAL C 18 10.17 -20.91 21.95
CA VAL C 18 10.12 -19.82 20.98
C VAL C 18 11.11 -18.68 21.27
N ARG C 19 11.79 -18.25 20.20
CA ARG C 19 12.74 -17.18 20.29
C ARG C 19 12.00 -15.90 20.00
N LEU C 20 11.84 -15.09 21.03
CA LEU C 20 11.05 -13.89 20.94
C LEU C 20 11.90 -12.62 20.95
N ALA C 21 11.56 -11.71 20.05
CA ALA C 21 12.15 -10.39 20.09
C ALA C 21 11.04 -9.35 20.28
N ILE C 22 11.36 -8.28 20.99
CA ILE C 22 10.41 -7.21 21.22
C ILE C 22 11.11 -5.93 20.84
N VAL C 23 10.49 -5.17 19.95
CA VAL C 23 11.00 -3.85 19.63
C VAL C 23 9.99 -2.82 20.10
N ALA C 24 10.46 -1.86 20.86
CA ALA C 24 9.55 -0.90 21.45
C ALA C 24 10.02 0.52 21.22
N SER C 25 9.13 1.37 20.72
CA SER C 25 9.48 2.78 20.53
C SER C 25 9.41 3.50 21.86
N SER C 26 10.12 4.62 21.96
CA SER C 26 10.31 5.33 23.21
C SER C 26 9.43 6.56 23.32
N TRP C 27 8.73 6.86 22.23
CA TRP C 27 7.85 8.03 22.20
C TRP C 27 6.65 7.77 23.10
N HIS C 28 6.44 8.64 24.08
CA HIS C 28 5.50 8.38 25.17
C HIS C 28 6.10 7.27 26.02
N GLY C 29 7.18 7.63 26.72
CA GLY C 29 7.99 6.68 27.47
C GLY C 29 7.22 5.85 28.48
N LYS C 30 6.37 6.51 29.26
CA LYS C 30 5.59 5.85 30.31
C LYS C 30 4.70 4.75 29.74
N ILE C 31 3.99 5.08 28.66
CA ILE C 31 3.10 4.10 28.04
C ILE C 31 3.91 2.98 27.38
N CYS C 32 5.02 3.35 26.74
CA CYS C 32 5.89 2.35 26.14
C CYS C 32 6.41 1.37 27.19
N ASP C 33 6.84 1.91 28.33
CA ASP C 33 7.25 1.06 29.47
C ASP C 33 6.12 0.12 29.94
N ALA C 34 4.88 0.62 30.00
CA ALA C 34 3.74 -0.20 30.38
C ALA C 34 3.51 -1.34 29.37
N LEU C 35 3.52 -1.02 28.08
CA LEU C 35 3.38 -2.08 27.07
C LEU C 35 4.46 -3.14 27.18
N LEU C 36 5.70 -2.71 27.39
CA LEU C 36 6.84 -3.62 27.49
C LEU C 36 6.76 -4.49 28.74
N ASP C 37 6.35 -3.89 29.85
CA ASP C 37 6.09 -4.65 31.06
C ASP C 37 5.08 -5.77 30.80
N GLY C 38 3.97 -5.42 30.15
CA GLY C 38 2.95 -6.40 29.76
C GLY C 38 3.48 -7.51 28.87
N ALA C 39 4.34 -7.15 27.91
CA ALA C 39 4.95 -8.14 27.02
C ALA C 39 5.88 -9.07 27.78
N ARG C 40 6.74 -8.49 28.59
CA ARG C 40 7.73 -9.24 29.37
C ARG C 40 7.06 -10.24 30.31
N LYS C 41 5.96 -9.82 30.94
CA LYS C 41 5.22 -10.70 31.84
C LYS C 41 4.67 -11.93 31.14
N VAL C 42 4.08 -11.74 29.95
CA VAL C 42 3.58 -12.86 29.17
C VAL C 42 4.71 -13.79 28.76
N ALA C 43 5.80 -13.21 28.27
CA ALA C 43 6.97 -13.98 27.88
C ALA C 43 7.52 -14.79 29.07
N ALA C 44 7.64 -14.14 30.23
CA ALA C 44 8.12 -14.81 31.42
C ALA C 44 7.13 -15.89 31.84
N GLY C 45 5.84 -15.52 31.84
CA GLY C 45 4.74 -16.43 32.18
C GLY C 45 4.61 -17.66 31.30
N CYS C 46 5.09 -17.56 30.06
CA CYS C 46 5.08 -18.70 29.14
C CYS C 46 6.43 -19.43 29.11
N GLY C 47 7.34 -19.01 29.98
CA GLY C 47 8.58 -19.71 30.23
C GLY C 47 9.63 -19.51 29.17
N LEU C 48 9.57 -18.38 28.49
CA LEU C 48 10.52 -18.09 27.41
C LEU C 48 11.88 -17.67 27.94
N ASP C 49 12.93 -18.02 27.20
CA ASP C 49 14.25 -17.42 27.42
C ASP C 49 14.09 -15.92 27.30
N ASP C 50 14.89 -15.19 28.08
CA ASP C 50 14.87 -13.74 28.10
C ASP C 50 14.75 -13.20 26.67
N PRO C 51 13.62 -12.54 26.35
CA PRO C 51 13.47 -12.07 24.97
C PRO C 51 14.50 -10.99 24.61
N THR C 52 14.83 -10.91 23.32
CA THR C 52 15.66 -9.84 22.82
C THR C 52 14.84 -8.57 22.78
N VAL C 53 15.23 -7.57 23.56
CA VAL C 53 14.47 -6.35 23.68
C VAL C 53 15.26 -5.18 23.14
N VAL C 54 14.68 -4.47 22.20
CA VAL C 54 15.38 -3.40 21.53
C VAL C 54 14.51 -2.16 21.60
N ARG C 55 15.11 -1.03 21.95
CA ARG C 55 14.39 0.24 21.98
C ARG C 55 14.74 1.08 20.78
N VAL C 56 13.72 1.73 20.23
CA VAL C 56 13.91 2.71 19.17
C VAL C 56 13.21 3.99 19.54
N LEU C 57 13.54 5.07 18.85
CA LEU C 57 12.99 6.37 19.24
C LEU C 57 11.51 6.56 18.90
N GLY C 58 11.15 6.26 17.66
CA GLY C 58 9.75 6.38 17.26
C GLY C 58 9.22 5.16 16.55
N ALA C 59 7.90 5.15 16.37
CA ALA C 59 7.24 4.01 15.76
C ALA C 59 7.74 3.80 14.32
N ILE C 60 8.10 4.88 13.65
CA ILE C 60 8.61 4.78 12.28
C ILE C 60 9.89 3.94 12.19
N GLU C 61 10.67 3.93 13.27
CA GLU C 61 11.91 3.16 13.31
C GLU C 61 11.67 1.67 13.60
N ILE C 62 10.46 1.32 14.02
CA ILE C 62 10.19 -0.05 14.37
C ILE C 62 10.42 -1.05 13.23
N PRO C 63 9.82 -0.83 12.04
CA PRO C 63 9.93 -1.91 11.03
C PRO C 63 11.35 -2.29 10.62
N VAL C 64 12.26 -1.33 10.47
CA VAL C 64 13.61 -1.73 10.06
C VAL C 64 14.32 -2.55 11.13
N VAL C 65 14.01 -2.28 12.39
CA VAL C 65 14.64 -3.07 13.44
C VAL C 65 13.93 -4.42 13.60
N ALA C 66 12.61 -4.43 13.45
CA ALA C 66 11.84 -5.68 13.39
C ALA C 66 12.36 -6.58 12.27
N GLN C 67 12.71 -5.97 11.14
CA GLN C 67 13.28 -6.74 10.03
C GLN C 67 14.59 -7.45 10.43
N GLU C 68 15.46 -6.71 11.11
CA GLU C 68 16.72 -7.28 11.57
C GLU C 68 16.46 -8.38 12.61
N LEU C 69 15.55 -8.09 13.53
CA LEU C 69 15.23 -9.07 14.58
C LEU C 69 14.61 -10.35 14.03
N ALA C 70 13.76 -10.22 13.01
CA ALA C 70 13.14 -11.38 12.39
C ALA C 70 14.13 -12.42 11.85
N ARG C 71 15.37 -12.02 11.59
CA ARG C 71 16.39 -12.91 11.03
C ARG C 71 16.89 -13.92 12.06
N ASN C 72 16.62 -13.61 13.33
CA ASN C 72 17.20 -14.41 14.41
C ASN C 72 16.16 -14.83 15.43
N HIS C 73 14.87 -14.62 15.12
CA HIS C 73 13.76 -14.92 16.05
C HIS C 73 12.55 -15.58 15.38
N ASP C 74 11.73 -16.28 16.17
CA ASP C 74 10.52 -16.96 15.67
C ASP C 74 9.31 -16.04 15.63
N ALA C 75 9.40 -14.94 16.37
CA ALA C 75 8.36 -13.95 16.47
C ALA C 75 8.94 -12.64 16.95
N VAL C 76 8.31 -11.56 16.54
CA VAL C 76 8.67 -10.22 16.98
C VAL C 76 7.41 -9.50 17.41
N VAL C 77 7.49 -8.88 18.58
CA VAL C 77 6.40 -8.03 19.08
C VAL C 77 6.80 -6.58 18.91
N ALA C 78 5.98 -5.83 18.20
CA ALA C 78 6.19 -4.43 18.00
C ALA C 78 5.36 -3.65 19.01
N LEU C 79 6.02 -2.85 19.82
CA LEU C 79 5.32 -2.03 20.82
C LEU C 79 5.57 -0.57 20.62
N GLY C 80 4.52 0.22 20.75
CA GLY C 80 4.64 1.64 20.69
C GLY C 80 3.30 2.29 20.91
N VAL C 81 3.31 3.61 20.83
CA VAL C 81 2.14 4.42 21.05
C VAL C 81 2.19 5.60 20.14
N VAL C 82 1.16 5.73 19.31
CA VAL C 82 0.99 6.90 18.47
C VAL C 82 -0.32 7.56 18.89
N ILE C 83 -0.24 8.83 19.31
CA ILE C 83 -1.41 9.58 19.75
C ILE C 83 -1.64 10.76 18.83
N ARG C 84 -2.89 10.91 18.34
CA ARG C 84 -3.23 11.97 17.40
C ARG C 84 -2.90 13.36 17.96
N GLY C 85 -2.36 14.22 17.10
CA GLY C 85 -2.08 15.62 17.46
C GLY C 85 -3.00 16.56 16.72
N GLN C 86 -2.46 17.72 16.33
CA GLN C 86 -3.27 18.75 15.68
C GLN C 86 -3.26 18.67 14.15
N THR C 87 -2.28 17.93 13.60
CA THR C 87 -2.10 17.81 12.15
C THR C 87 -2.44 16.40 11.66
N PRO C 88 -2.48 16.21 10.33
CA PRO C 88 -2.68 14.89 9.71
C PRO C 88 -1.55 13.89 10.00
N HIS C 89 -0.49 14.36 10.65
CA HIS C 89 0.75 13.58 10.82
C HIS C 89 0.57 12.19 11.42
N PHE C 90 -0.30 12.10 12.44
CA PHE C 90 -0.71 10.82 13.02
C PHE C 90 -1.05 9.75 11.96
N ASP C 91 -1.85 10.14 10.95
CA ASP C 91 -2.33 9.20 9.93
C ASP C 91 -1.16 8.56 9.21
N TYR C 92 -0.17 9.37 8.86
CA TYR C 92 0.99 8.88 8.09
C TYR C 92 1.98 8.08 8.90
N VAL C 93 2.11 8.40 10.18
CA VAL C 93 2.97 7.62 11.06
C VAL C 93 2.35 6.25 11.17
N CYS C 94 1.04 6.20 11.40
CA CYS C 94 0.33 4.93 11.52
C CYS C 94 0.31 4.10 10.23
N ASP C 95 0.12 4.78 9.09
CA ASP C 95 0.21 4.14 7.78
C ASP C 95 1.57 3.49 7.60
N ALA C 96 2.63 4.23 7.94
CA ALA C 96 3.99 3.72 7.75
C ALA C 96 4.22 2.44 8.55
N VAL C 97 3.76 2.46 9.80
CA VAL C 97 3.91 1.33 10.69
C VAL C 97 3.15 0.10 10.17
N THR C 98 1.90 0.34 9.79
CA THR C 98 1.06 -0.70 9.24
C THR C 98 1.73 -1.31 8.01
N GLN C 99 2.15 -0.46 7.09
CA GLN C 99 2.78 -0.98 5.87
C GLN C 99 4.08 -1.73 6.13
N GLY C 100 4.92 -1.14 6.98
CA GLY C 100 6.21 -1.74 7.31
C GLY C 100 6.10 -3.07 8.02
N LEU C 101 5.26 -3.11 9.06
CA LEU C 101 5.17 -4.36 9.80
C LEU C 101 4.56 -5.48 8.99
N THR C 102 3.56 -5.16 8.15
CA THR C 102 2.92 -6.16 7.31
C THR C 102 3.95 -6.71 6.34
N ARG C 103 4.70 -5.81 5.68
CA ARG C 103 5.76 -6.28 4.82
C ARG C 103 6.81 -7.15 5.52
N VAL C 104 7.29 -6.72 6.69
CA VAL C 104 8.33 -7.47 7.37
C VAL C 104 7.84 -8.88 7.71
N SER C 105 6.59 -8.97 8.17
CA SER C 105 6.05 -10.29 8.53
C SER C 105 6.05 -11.24 7.34
N LEU C 106 5.62 -10.75 6.19
CA LEU C 106 5.52 -11.61 5.04
C LEU C 106 6.87 -11.87 4.38
N ASP C 107 7.74 -10.87 4.37
CA ASP C 107 9.10 -11.04 3.84
C ASP C 107 9.84 -12.12 4.62
N SER C 108 9.69 -12.09 5.94
CA SER C 108 10.45 -12.97 6.82
C SER C 108 9.68 -14.22 7.21
N SER C 109 8.42 -14.30 6.76
CA SER C 109 7.50 -15.40 7.14
C SER C 109 7.55 -15.59 8.66
N THR C 110 7.51 -14.47 9.35
CA THR C 110 7.63 -14.44 10.81
C THR C 110 6.50 -13.59 11.36
N PRO C 111 5.78 -14.07 12.38
CA PRO C 111 4.76 -13.17 12.94
C PRO C 111 5.40 -11.91 13.52
N ILE C 112 4.82 -10.77 13.19
CA ILE C 112 5.23 -9.51 13.77
C ILE C 112 3.97 -9.00 14.41
N ALA C 113 3.86 -9.25 15.71
CA ALA C 113 2.64 -8.90 16.42
C ALA C 113 2.52 -7.39 16.59
N ASN C 114 1.31 -6.88 16.43
CA ASN C 114 1.10 -5.45 16.52
C ASN C 114 0.59 -5.03 17.90
N GLY C 115 1.51 -4.51 18.70
CA GLY C 115 1.20 -3.89 19.97
C GLY C 115 1.43 -2.40 19.91
N VAL C 116 1.17 -1.81 18.76
CA VAL C 116 1.34 -0.37 18.60
C VAL C 116 -0.02 0.27 18.74
N LEU C 117 -0.22 0.96 19.87
CA LEU C 117 -1.46 1.66 20.09
C LEU C 117 -1.56 2.83 19.16
N THR C 118 -2.77 3.08 18.66
CA THR C 118 -3.03 4.22 17.81
C THR C 118 -4.29 4.88 18.33
N THR C 119 -4.12 5.88 19.20
CA THR C 119 -5.23 6.47 19.94
C THR C 119 -5.42 7.95 19.62
N ASN C 120 -6.62 8.46 19.90
CA ASN C 120 -6.87 9.89 19.80
C ASN C 120 -6.36 10.68 21.00
N THR C 121 -6.36 10.04 22.16
CA THR C 121 -5.97 10.71 23.41
C THR C 121 -4.95 9.89 24.20
N GLU C 122 -4.23 10.57 25.09
CA GLU C 122 -3.35 9.88 26.02
C GLU C 122 -4.14 8.95 26.95
N GLU C 123 -5.30 9.43 27.42
CA GLU C 123 -6.21 8.64 28.25
C GLU C 123 -6.51 7.27 27.62
N GLN C 124 -6.91 7.28 26.35
CA GLN C 124 -7.17 6.05 25.61
C GLN C 124 -5.99 5.08 25.61
N ALA C 125 -4.78 5.62 25.44
CA ALA C 125 -3.58 4.80 25.37
C ALA C 125 -3.25 4.17 26.71
N LEU C 126 -3.36 4.97 27.77
CA LEU C 126 -3.17 4.47 29.14
C LEU C 126 -4.13 3.31 29.44
N ASP C 127 -5.38 3.47 29.01
CA ASP C 127 -6.47 2.51 29.24
C ASP C 127 -6.25 1.19 28.52
N ARG C 128 -5.26 1.17 27.62
CA ARG C 128 -4.99 0.01 26.78
C ARG C 128 -3.59 -0.55 26.99
N ALA C 129 -2.86 0.03 27.96
CA ALA C 129 -1.46 -0.31 28.18
C ALA C 129 -1.20 -1.22 29.38
N GLY C 130 -2.26 -1.83 29.91
CA GLY C 130 -2.11 -2.86 30.93
C GLY C 130 -1.59 -2.39 32.28
N LEU C 131 -1.85 -1.14 32.61
CA LEU C 131 -1.55 -0.62 33.94
C LEU C 131 -2.64 -1.14 34.89
N PRO C 132 -2.40 -1.06 36.22
CA PRO C 132 -3.38 -1.63 37.18
C PRO C 132 -4.84 -1.27 36.87
N THR C 133 -5.09 -0.03 36.47
CA THR C 133 -6.44 0.46 36.19
C THR C 133 -6.85 0.46 34.71
N SER C 134 -6.09 -0.19 33.84
CA SER C 134 -6.41 -0.23 32.41
C SER C 134 -7.49 -1.25 32.09
N ALA C 135 -8.36 -0.92 31.14
CA ALA C 135 -9.35 -1.89 30.63
C ALA C 135 -8.68 -3.04 29.86
N GLU C 136 -7.60 -2.71 29.16
CA GLU C 136 -6.88 -3.69 28.35
C GLU C 136 -5.36 -3.64 28.48
N ASP C 137 -4.71 -4.75 28.13
CA ASP C 137 -3.26 -4.91 28.17
C ASP C 137 -2.75 -5.27 26.78
N LYS C 138 -2.43 -4.27 25.96
CA LYS C 138 -2.09 -4.50 24.55
C LYS C 138 -0.74 -5.17 24.38
N GLY C 139 0.20 -4.84 25.26
CA GLY C 139 1.52 -5.46 25.21
C GLY C 139 1.38 -6.96 25.39
N ALA C 140 0.59 -7.35 26.41
CA ALA C 140 0.32 -8.75 26.67
C ALA C 140 -0.39 -9.44 25.52
N GLN C 141 -1.45 -8.83 25.02
CA GLN C 141 -2.24 -9.39 23.91
C GLN C 141 -1.32 -9.65 22.71
N ALA C 142 -0.48 -8.67 22.39
CA ALA C 142 0.43 -8.78 21.24
C ALA C 142 1.39 -9.94 21.43
N THR C 143 1.85 -10.14 22.66
CA THR C 143 2.83 -11.16 22.93
C THR C 143 2.23 -12.56 22.84
N VAL C 144 1.00 -12.72 23.35
CA VAL C 144 0.28 -13.97 23.22
C VAL C 144 0.09 -14.30 21.73
N ALA C 145 -0.31 -13.31 20.95
CA ALA C 145 -0.53 -13.50 19.52
C ALA C 145 0.77 -13.95 18.83
N ALA C 146 1.88 -13.28 19.15
CA ALA C 146 3.18 -13.64 18.58
C ALA C 146 3.55 -15.09 18.88
N LEU C 147 3.41 -15.48 20.14
CA LEU C 147 3.80 -16.81 20.60
C LEU C 147 2.93 -17.89 19.98
N ALA C 148 1.62 -17.69 20.01
CA ALA C 148 0.68 -18.66 19.48
C ALA C 148 0.90 -18.84 17.98
N THR C 149 1.14 -17.74 17.29
CA THR C 149 1.34 -17.85 15.84
C THR C 149 2.66 -18.56 15.54
N ALA C 150 3.71 -18.23 16.28
CA ALA C 150 4.97 -18.96 16.11
C ALA C 150 4.77 -20.48 16.32
N LEU C 151 4.05 -20.84 17.37
CA LEU C 151 3.79 -22.25 17.64
C LEU C 151 2.99 -22.93 16.51
N THR C 152 1.95 -22.24 16.05
CA THR C 152 1.16 -22.68 14.90
C THR C 152 2.02 -22.90 13.65
N LEU C 153 2.90 -21.95 13.34
CA LEU C 153 3.75 -22.07 12.17
C LEU C 153 4.72 -23.23 12.31
N ARG C 154 5.25 -23.42 13.52
CA ARG C 154 6.18 -24.51 13.77
C ARG C 154 5.51 -25.88 13.47
N GLU C 155 4.22 -25.99 13.78
CA GLU C 155 3.45 -27.22 13.58
C GLU C 155 3.05 -27.41 12.14
N LEU C 156 2.73 -26.32 11.47
CA LEU C 156 2.38 -26.36 10.06
C LEU C 156 3.59 -26.68 9.20
N ARG C 157 4.77 -26.25 9.65
CA ARG C 157 6.01 -26.44 8.89
C ARG C 157 6.63 -27.83 9.04
N ALA C 158 7.80 -28.03 8.41
CA ALA C 158 8.40 -29.35 8.32
C ALA C 158 8.92 -29.87 9.65
N HIS C 159 8.48 -31.08 10.00
CA HIS C 159 8.93 -31.75 11.22
C HIS C 159 8.56 -33.23 11.17
N SER C 160 8.94 -33.96 12.23
CA SER C 160 8.41 -35.29 12.50
C SER C 160 7.14 -35.19 13.34
N ASP D 14 27.96 8.66 20.64
CA ASP D 14 29.08 8.80 19.66
C ASP D 14 28.71 8.21 18.30
N ALA D 15 28.23 9.05 17.40
CA ALA D 15 27.90 8.61 16.05
C ALA D 15 29.04 8.92 15.07
N SER D 16 30.21 9.29 15.57
CA SER D 16 31.32 9.74 14.70
C SER D 16 31.66 8.80 13.55
N GLY D 17 31.34 7.51 13.71
CA GLY D 17 31.60 6.53 12.69
C GLY D 17 30.41 6.24 11.78
N VAL D 18 29.24 6.74 12.13
CA VAL D 18 28.09 6.52 11.25
C VAL D 18 28.07 7.48 10.06
N ARG D 19 27.70 6.90 8.92
CA ARG D 19 27.63 7.60 7.67
C ARG D 19 26.21 8.06 7.50
N LEU D 20 26.03 9.37 7.61
CA LEU D 20 24.71 9.97 7.59
C LEU D 20 24.50 10.76 6.33
N ALA D 21 23.32 10.60 5.75
CA ALA D 21 22.90 11.43 4.63
C ALA D 21 21.59 12.11 5.00
N ILE D 22 21.45 13.34 4.54
CA ILE D 22 20.22 14.09 4.76
C ILE D 22 19.73 14.52 3.39
N VAL D 23 18.49 14.16 3.07
CA VAL D 23 17.86 14.60 1.82
C VAL D 23 16.69 15.50 2.18
N ALA D 24 16.75 16.74 1.69
CA ALA D 24 15.78 17.73 2.10
C ALA D 24 15.08 18.34 0.89
N SER D 25 13.75 18.33 0.91
CA SER D 25 12.94 18.98 -0.12
C SER D 25 12.97 20.48 0.10
N SER D 26 12.99 21.25 -0.98
CA SER D 26 13.13 22.72 -0.93
C SER D 26 11.80 23.47 -1.08
N TRP D 27 10.71 22.73 -1.19
CA TRP D 27 9.38 23.33 -1.25
C TRP D 27 9.09 23.86 0.15
N HIS D 28 8.81 25.15 0.26
CA HIS D 28 8.80 25.87 1.53
C HIS D 28 10.25 25.91 2.03
N GLY D 29 11.06 26.75 1.38
CA GLY D 29 12.49 26.81 1.61
C GLY D 29 12.91 27.23 3.01
N LYS D 30 12.24 28.23 3.56
CA LYS D 30 12.55 28.68 4.91
C LYS D 30 12.38 27.56 5.95
N ILE D 31 11.26 26.84 5.85
CA ILE D 31 11.03 25.74 6.77
C ILE D 31 12.04 24.61 6.51
N CYS D 32 12.34 24.33 5.24
CA CYS D 32 13.38 23.37 4.91
C CYS D 32 14.71 23.75 5.55
N ASP D 33 15.11 25.01 5.42
CA ASP D 33 16.38 25.49 5.97
C ASP D 33 16.43 25.27 7.48
N ALA D 34 15.29 25.54 8.12
CA ALA D 34 15.17 25.39 9.57
C ALA D 34 15.33 23.92 9.95
N LEU D 35 14.64 23.03 9.23
CA LEU D 35 14.75 21.61 9.50
C LEU D 35 16.17 21.12 9.31
N LEU D 36 16.80 21.60 8.24
CA LEU D 36 18.17 21.20 7.94
C LEU D 36 19.14 21.69 9.01
N ASP D 37 18.95 22.92 9.47
CA ASP D 37 19.80 23.47 10.54
C ASP D 37 19.74 22.57 11.79
N GLY D 38 18.52 22.19 12.15
CA GLY D 38 18.28 21.29 13.28
C GLY D 38 18.96 19.97 13.10
N ALA D 39 18.85 19.42 11.89
CA ALA D 39 19.52 18.16 11.61
C ALA D 39 21.05 18.26 11.68
N ARG D 40 21.60 19.30 11.07
CA ARG D 40 23.05 19.50 11.05
C ARG D 40 23.59 19.70 12.46
N LYS D 41 22.85 20.43 13.28
CA LYS D 41 23.29 20.66 14.67
C LYS D 41 23.38 19.37 15.48
N VAL D 42 22.35 18.54 15.37
CA VAL D 42 22.35 17.23 16.02
C VAL D 42 23.53 16.41 15.51
N ALA D 43 23.68 16.37 14.19
CA ALA D 43 24.76 15.57 13.61
C ALA D 43 26.13 16.02 14.14
N ALA D 44 26.37 17.33 14.14
CA ALA D 44 27.65 17.89 14.67
C ALA D 44 27.85 17.61 16.16
N GLY D 45 26.76 17.72 16.93
CA GLY D 45 26.82 17.36 18.36
C GLY D 45 27.20 15.91 18.57
N CYS D 46 26.78 15.06 17.65
CA CYS D 46 27.03 13.63 17.67
C CYS D 46 28.36 13.22 17.02
N GLY D 47 29.14 14.21 16.62
CA GLY D 47 30.49 13.98 16.11
C GLY D 47 30.63 14.00 14.60
N LEU D 48 29.54 14.35 13.91
CA LEU D 48 29.48 14.35 12.45
C LEU D 48 29.41 15.78 11.88
N ASP D 49 30.56 16.30 11.47
CA ASP D 49 30.61 17.67 10.95
C ASP D 49 30.24 17.77 9.47
N ASP D 50 30.27 16.64 8.77
CA ASP D 50 30.12 16.66 7.32
C ASP D 50 29.20 15.54 6.79
N PRO D 51 27.91 15.53 7.23
CA PRO D 51 27.02 14.52 6.63
C PRO D 51 26.80 14.84 5.16
N THR D 52 26.42 13.82 4.39
CA THR D 52 26.06 14.05 3.00
C THR D 52 24.70 14.75 2.96
N VAL D 53 24.66 15.95 2.36
CA VAL D 53 23.41 16.68 2.30
C VAL D 53 23.03 16.86 0.85
N VAL D 54 21.82 16.46 0.50
CA VAL D 54 21.30 16.55 -0.87
C VAL D 54 19.97 17.24 -0.85
N ARG D 55 19.81 18.25 -1.71
CA ARG D 55 18.53 18.93 -1.86
C ARG D 55 17.75 18.40 -3.07
N VAL D 56 16.46 18.20 -2.86
CA VAL D 56 15.51 17.90 -3.94
C VAL D 56 14.42 18.95 -3.95
N LEU D 57 13.65 19.00 -5.03
CA LEU D 57 12.71 20.11 -5.19
C LEU D 57 11.44 19.88 -4.38
N GLY D 58 10.89 18.68 -4.45
CA GLY D 58 9.64 18.37 -3.75
C GLY D 58 9.71 17.09 -2.97
N ALA D 59 8.75 16.89 -2.07
CA ALA D 59 8.73 15.69 -1.24
C ALA D 59 8.62 14.41 -2.06
N ILE D 60 7.92 14.47 -3.18
CA ILE D 60 7.77 13.27 -4.03
C ILE D 60 9.14 12.75 -4.51
N GLU D 61 10.10 13.66 -4.68
CA GLU D 61 11.45 13.27 -5.13
C GLU D 61 12.35 12.66 -4.03
N ILE D 62 11.91 12.73 -2.78
CA ILE D 62 12.76 12.29 -1.69
C ILE D 62 13.08 10.78 -1.79
N PRO D 63 12.05 9.91 -1.93
CA PRO D 63 12.36 8.47 -1.87
C PRO D 63 13.39 7.98 -2.88
N VAL D 64 13.32 8.41 -4.13
CA VAL D 64 14.29 7.88 -5.09
C VAL D 64 15.72 8.34 -4.73
N VAL D 65 15.84 9.54 -4.17
CA VAL D 65 17.16 10.03 -3.79
C VAL D 65 17.59 9.37 -2.47
N ALA D 66 16.63 9.18 -1.56
CA ALA D 66 16.93 8.43 -0.34
C ALA D 66 17.44 7.03 -0.70
N GLN D 67 16.85 6.41 -1.72
CA GLN D 67 17.23 5.07 -2.13
C GLN D 67 18.70 5.07 -2.58
N GLU D 68 19.07 6.09 -3.34
CA GLU D 68 20.46 6.18 -3.83
C GLU D 68 21.39 6.38 -2.64
N LEU D 69 21.00 7.29 -1.74
CA LEU D 69 21.85 7.58 -0.59
C LEU D 69 22.03 6.38 0.33
N ALA D 70 20.98 5.58 0.44
CA ALA D 70 21.02 4.40 1.30
C ALA D 70 22.08 3.39 0.89
N ARG D 71 22.51 3.42 -0.37
CA ARG D 71 23.55 2.49 -0.84
C ARG D 71 24.91 2.78 -0.20
N ASN D 72 25.09 3.98 0.33
CA ASN D 72 26.44 4.47 0.72
C ASN D 72 26.43 5.06 2.13
N HIS D 73 25.29 4.94 2.82
CA HIS D 73 25.13 5.52 4.17
C HIS D 73 24.46 4.56 5.11
N ASP D 74 24.67 4.81 6.40
CA ASP D 74 24.07 3.97 7.43
C ASP D 74 22.72 4.49 7.88
N ALA D 75 22.42 5.74 7.54
CA ALA D 75 21.16 6.34 7.91
C ALA D 75 20.89 7.49 6.97
N VAL D 76 19.62 7.68 6.66
CA VAL D 76 19.18 8.80 5.84
C VAL D 76 18.08 9.52 6.57
N VAL D 77 18.18 10.85 6.60
CA VAL D 77 17.16 11.69 7.19
C VAL D 77 16.44 12.39 6.05
N ALA D 78 15.12 12.20 5.99
CA ALA D 78 14.29 12.84 4.98
C ALA D 78 13.65 14.05 5.61
N LEU D 79 13.92 15.22 5.02
CA LEU D 79 13.36 16.48 5.52
C LEU D 79 12.51 17.18 4.47
N GLY D 80 11.43 17.79 4.93
CA GLY D 80 10.62 18.59 4.05
C GLY D 80 9.33 18.97 4.73
N VAL D 81 8.47 19.62 3.98
CA VAL D 81 7.23 20.14 4.54
C VAL D 81 6.16 20.04 3.49
N VAL D 82 5.07 19.37 3.82
CA VAL D 82 3.87 19.33 2.94
C VAL D 82 2.75 19.98 3.72
N ILE D 83 2.21 21.05 3.15
CA ILE D 83 1.14 21.82 3.81
C ILE D 83 -0.13 21.72 2.96
N ARG D 84 -1.25 21.38 3.59
CA ARG D 84 -2.50 21.19 2.86
C ARG D 84 -2.97 22.43 2.13
N GLY D 85 -3.51 22.22 0.93
CA GLY D 85 -4.04 23.28 0.09
C GLY D 85 -5.55 23.09 -0.02
N GLN D 86 -6.09 23.36 -1.20
CA GLN D 86 -7.53 23.39 -1.41
C GLN D 86 -8.08 22.08 -1.94
N THR D 87 -7.21 21.23 -2.48
CA THR D 87 -7.62 19.98 -3.14
C THR D 87 -7.20 18.74 -2.33
N PRO D 88 -7.65 17.54 -2.74
CA PRO D 88 -7.15 16.33 -2.09
C PRO D 88 -5.66 16.06 -2.34
N HIS D 89 -4.98 16.92 -3.10
CA HIS D 89 -3.61 16.61 -3.53
C HIS D 89 -2.66 16.33 -2.38
N PHE D 90 -2.78 17.12 -1.31
CA PHE D 90 -2.00 16.90 -0.08
C PHE D 90 -1.99 15.43 0.33
N ASP D 91 -3.15 14.77 0.29
CA ASP D 91 -3.28 13.39 0.76
C ASP D 91 -2.37 12.47 -0.04
N TYR D 92 -2.38 12.66 -1.35
CA TYR D 92 -1.63 11.76 -2.24
C TYR D 92 -0.13 12.02 -2.20
N VAL D 93 0.26 13.28 -2.03
CA VAL D 93 1.67 13.56 -1.87
C VAL D 93 2.17 12.86 -0.61
N CYS D 94 1.43 13.03 0.49
CA CYS D 94 1.81 12.41 1.75
C CYS D 94 1.81 10.88 1.65
N ASP D 95 0.82 10.30 0.97
CA ASP D 95 0.76 8.84 0.77
C ASP D 95 2.00 8.36 0.03
N ALA D 96 2.40 9.08 -1.01
CA ALA D 96 3.58 8.70 -1.82
C ALA D 96 4.84 8.67 -0.95
N VAL D 97 5.03 9.74 -0.17
CA VAL D 97 6.20 9.86 0.71
C VAL D 97 6.23 8.71 1.69
N THR D 98 5.08 8.45 2.31
CA THR D 98 4.96 7.38 3.27
C THR D 98 5.26 6.02 2.64
N GLN D 99 4.64 5.73 1.51
CA GLN D 99 4.89 4.44 0.85
C GLN D 99 6.34 4.31 0.41
N GLY D 100 6.87 5.40 -0.14
CA GLY D 100 8.22 5.39 -0.68
C GLY D 100 9.30 5.23 0.37
N LEU D 101 9.23 6.04 1.43
CA LEU D 101 10.27 5.94 2.46
C LEU D 101 10.20 4.60 3.20
N THR D 102 9.00 4.10 3.41
CA THR D 102 8.85 2.82 4.07
C THR D 102 9.48 1.74 3.22
N ARG D 103 9.15 1.74 1.93
CA ARG D 103 9.79 0.79 1.02
C ARG D 103 11.32 0.91 1.02
N VAL D 104 11.87 2.13 0.93
CA VAL D 104 13.31 2.28 0.83
C VAL D 104 14.02 1.76 2.07
N SER D 105 13.43 2.05 3.22
CA SER D 105 14.02 1.60 4.47
C SER D 105 14.14 0.08 4.52
N LEU D 106 13.09 -0.62 4.09
CA LEU D 106 13.08 -2.07 4.20
C LEU D 106 13.86 -2.75 3.07
N ASP D 107 13.85 -2.15 1.88
CA ASP D 107 14.65 -2.68 0.76
C ASP D 107 16.13 -2.60 1.09
N SER D 108 16.53 -1.48 1.71
CA SER D 108 17.96 -1.20 1.96
C SER D 108 18.39 -1.56 3.36
N SER D 109 17.44 -2.01 4.17
CA SER D 109 17.70 -2.30 5.57
C SER D 109 18.45 -1.14 6.26
N THR D 110 18.02 0.09 5.95
CA THR D 110 18.64 1.30 6.45
C THR D 110 17.56 2.18 7.05
N PRO D 111 17.82 2.76 8.23
CA PRO D 111 16.83 3.69 8.77
C PRO D 111 16.67 4.86 7.83
N ILE D 112 15.43 5.19 7.49
CA ILE D 112 15.14 6.38 6.72
C ILE D 112 14.21 7.18 7.60
N ALA D 113 14.78 8.16 8.30
CA ALA D 113 14.02 8.92 9.27
C ALA D 113 13.07 9.89 8.59
N ASN D 114 11.82 9.93 9.06
CA ASN D 114 10.84 10.82 8.44
C ASN D 114 10.83 12.16 9.21
N GLY D 115 11.53 13.15 8.65
CA GLY D 115 11.43 14.53 9.10
C GLY D 115 10.64 15.35 8.10
N VAL D 116 9.65 14.73 7.46
CA VAL D 116 8.79 15.44 6.52
C VAL D 116 7.52 15.86 7.26
N LEU D 117 7.38 17.15 7.50
CA LEU D 117 6.20 17.67 8.17
C LEU D 117 4.99 17.52 7.24
N THR D 118 3.83 17.23 7.82
CA THR D 118 2.59 17.14 7.04
C THR D 118 1.52 17.91 7.81
N THR D 119 1.32 19.19 7.43
CA THR D 119 0.51 20.07 8.25
C THR D 119 -0.68 20.63 7.49
N ASN D 120 -1.69 21.07 8.23
CA ASN D 120 -2.80 21.79 7.63
C ASN D 120 -2.46 23.24 7.33
N THR D 121 -1.56 23.84 8.12
CA THR D 121 -1.19 25.25 7.95
C THR D 121 0.31 25.51 8.02
N GLU D 122 0.72 26.65 7.48
CA GLU D 122 2.11 27.10 7.56
C GLU D 122 2.54 27.38 9.00
N GLU D 123 1.64 27.97 9.78
CA GLU D 123 1.90 28.24 11.19
C GLU D 123 2.26 26.97 11.92
N GLN D 124 1.49 25.91 11.67
CA GLN D 124 1.78 24.58 12.22
C GLN D 124 3.19 24.06 11.85
N ALA D 125 3.58 24.25 10.59
CA ALA D 125 4.89 23.77 10.13
C ALA D 125 6.03 24.55 10.77
N LEU D 126 5.88 25.87 10.85
CA LEU D 126 6.87 26.73 11.50
C LEU D 126 7.10 26.33 12.96
N ASP D 127 6.01 25.98 13.64
CA ASP D 127 6.02 25.64 15.06
C ASP D 127 6.74 24.32 15.31
N ARG D 128 6.97 23.57 14.23
CA ARG D 128 7.57 22.25 14.30
C ARG D 128 8.95 22.20 13.63
N ALA D 129 9.46 23.35 13.22
CA ALA D 129 10.72 23.41 12.46
C ALA D 129 11.94 23.86 13.29
N GLY D 130 11.76 24.01 14.59
CA GLY D 130 12.86 24.38 15.48
C GLY D 130 13.43 25.75 15.19
N LEU D 131 12.57 26.70 14.85
CA LEU D 131 12.95 28.10 14.80
C LEU D 131 13.00 28.63 16.23
N PRO D 132 13.57 29.84 16.45
CA PRO D 132 13.73 30.33 17.81
C PRO D 132 12.49 30.17 18.72
N THR D 133 11.30 30.44 18.18
CA THR D 133 10.07 30.33 18.98
C THR D 133 9.18 29.11 18.66
N SER D 134 9.75 28.12 17.95
CA SER D 134 9.01 26.91 17.62
C SER D 134 8.87 25.99 18.82
N ALA D 135 7.72 25.33 18.91
CA ALA D 135 7.45 24.32 19.93
C ALA D 135 8.41 23.12 19.84
N GLU D 136 8.79 22.76 18.63
CA GLU D 136 9.68 21.63 18.45
C GLU D 136 10.47 21.72 17.15
N ASP D 137 11.43 20.82 17.01
CA ASP D 137 12.38 20.83 15.91
C ASP D 137 12.35 19.43 15.35
N LYS D 138 11.52 19.25 14.32
CA LYS D 138 11.35 17.93 13.71
C LYS D 138 12.61 17.46 13.01
N GLY D 139 13.41 18.40 12.49
CA GLY D 139 14.65 18.05 11.79
C GLY D 139 15.64 17.42 12.77
N ALA D 140 15.73 18.03 13.95
CA ALA D 140 16.56 17.52 15.03
C ALA D 140 16.06 16.15 15.46
N GLN D 141 14.75 16.03 15.72
CA GLN D 141 14.14 14.75 16.11
C GLN D 141 14.46 13.63 15.13
N ALA D 142 14.26 13.92 13.86
CA ALA D 142 14.46 12.92 12.80
C ALA D 142 15.92 12.46 12.76
N THR D 143 16.84 13.37 13.02
CA THR D 143 18.27 13.05 12.93
C THR D 143 18.72 12.18 14.10
N VAL D 144 18.19 12.49 15.28
CA VAL D 144 18.39 11.66 16.45
C VAL D 144 17.88 10.24 16.14
N ALA D 145 16.66 10.16 15.59
CA ALA D 145 16.07 8.85 15.26
C ALA D 145 16.97 8.10 14.26
N ALA D 146 17.44 8.79 13.24
CA ALA D 146 18.26 8.12 12.22
C ALA D 146 19.55 7.57 12.83
N LEU D 147 20.26 8.42 13.58
CA LEU D 147 21.55 8.04 14.18
C LEU D 147 21.41 6.95 15.23
N ALA D 148 20.44 7.11 16.13
CA ALA D 148 20.20 6.11 17.15
C ALA D 148 19.87 4.76 16.51
N THR D 149 19.04 4.76 15.46
CA THR D 149 18.65 3.50 14.84
C THR D 149 19.84 2.84 14.14
N ALA D 150 20.66 3.65 13.49
CA ALA D 150 21.87 3.16 12.82
C ALA D 150 22.80 2.50 13.85
N LEU D 151 22.99 3.17 14.98
CA LEU D 151 23.86 2.64 16.04
C LEU D 151 23.30 1.32 16.59
N THR D 152 21.99 1.29 16.82
CA THR D 152 21.29 0.07 17.23
C THR D 152 21.46 -1.07 16.24
N LEU D 153 21.30 -0.77 14.96
CA LEU D 153 21.47 -1.80 13.94
C LEU D 153 22.91 -2.31 13.87
N ARG D 154 23.88 -1.42 14.08
CA ARG D 154 25.28 -1.81 14.08
C ARG D 154 25.56 -2.84 15.19
N GLU D 155 24.93 -2.63 16.34
CA GLU D 155 25.07 -3.54 17.48
C GLU D 155 24.36 -4.87 17.28
N LEU D 156 23.17 -4.83 16.67
CA LEU D 156 22.43 -6.07 16.45
C LEU D 156 23.10 -6.94 15.40
N ARG D 157 23.80 -6.29 14.47
CA ARG D 157 24.37 -7.00 13.35
C ARG D 157 25.76 -7.56 13.64
N ALA D 158 26.36 -8.21 12.66
CA ALA D 158 27.55 -9.03 12.88
C ALA D 158 28.81 -8.22 13.23
N HIS D 159 29.42 -8.54 14.35
CA HIS D 159 30.66 -7.87 14.77
C HIS D 159 31.39 -8.76 15.78
N SER D 160 32.60 -8.37 16.13
CA SER D 160 33.43 -9.12 17.07
C SER D 160 33.46 -8.48 18.45
N ALA E 15 21.09 20.45 -18.23
CA ALA E 15 20.15 19.29 -18.38
C ALA E 15 20.05 18.79 -19.83
N SER E 16 20.87 19.33 -20.71
CA SER E 16 20.81 18.97 -22.12
C SER E 16 21.10 17.50 -22.40
N GLY E 17 21.80 16.82 -21.48
CA GLY E 17 22.10 15.41 -21.65
C GLY E 17 21.08 14.48 -21.03
N VAL E 18 20.13 15.02 -20.27
CA VAL E 18 19.14 14.12 -19.65
C VAL E 18 18.06 13.61 -20.61
N ARG E 19 17.80 12.31 -20.51
CA ARG E 19 16.83 11.64 -21.38
C ARG E 19 15.50 11.65 -20.66
N LEU E 20 14.57 12.44 -21.16
CA LEU E 20 13.31 12.66 -20.48
C LEU E 20 12.16 12.03 -21.24
N ALA E 21 11.26 11.36 -20.51
CA ALA E 21 9.98 10.87 -21.06
C ALA E 21 8.84 11.57 -20.34
N ILE E 22 7.75 11.80 -21.07
CA ILE E 22 6.53 12.35 -20.48
C ILE E 22 5.39 11.44 -20.88
N VAL E 23 4.62 10.96 -19.90
CA VAL E 23 3.43 10.16 -20.18
C VAL E 23 2.22 10.92 -19.67
N ALA E 24 1.26 11.14 -20.55
CA ALA E 24 0.13 12.01 -20.20
C ALA E 24 -1.19 11.32 -20.49
N SER E 25 -2.09 11.34 -19.51
CA SER E 25 -3.42 10.76 -19.68
C SER E 25 -4.28 11.81 -20.32
N SER E 26 -5.12 11.40 -21.25
CA SER E 26 -5.91 12.39 -21.98
C SER E 26 -7.37 12.39 -21.59
N TRP E 27 -7.69 11.80 -20.45
CA TRP E 27 -9.07 11.73 -19.98
C TRP E 27 -9.79 13.07 -20.07
N HIS E 28 -9.20 14.08 -19.42
CA HIS E 28 -9.67 15.47 -19.55
C HIS E 28 -8.71 16.16 -20.52
N GLY E 29 -9.08 16.18 -21.80
CA GLY E 29 -8.18 16.53 -22.88
C GLY E 29 -7.55 17.90 -22.81
N LYS E 30 -8.37 18.91 -22.59
CA LYS E 30 -7.86 20.29 -22.55
C LYS E 30 -6.82 20.50 -21.44
N ILE E 31 -7.11 19.97 -20.26
CA ILE E 31 -6.19 20.14 -19.14
C ILE E 31 -4.90 19.34 -19.40
N CYS E 32 -5.04 18.13 -19.93
CA CYS E 32 -3.86 17.34 -20.31
C CYS E 32 -2.99 18.08 -21.29
N ASP E 33 -3.61 18.67 -22.32
CA ASP E 33 -2.82 19.41 -23.29
C ASP E 33 -2.05 20.56 -22.63
N ALA E 34 -2.68 21.24 -21.69
CA ALA E 34 -2.07 22.37 -21.01
C ALA E 34 -0.88 21.93 -20.12
N LEU E 35 -1.07 20.82 -19.40
CA LEU E 35 0.03 20.28 -18.59
C LEU E 35 1.21 19.90 -19.46
N LEU E 36 0.90 19.27 -20.59
CA LEU E 36 1.93 18.80 -21.51
C LEU E 36 2.69 19.99 -22.13
N ASP E 37 1.95 21.04 -22.46
CA ASP E 37 2.59 22.24 -22.98
C ASP E 37 3.60 22.82 -21.96
N GLY E 38 3.20 22.90 -20.70
CA GLY E 38 4.09 23.38 -19.64
C GLY E 38 5.33 22.53 -19.52
N ALA E 39 5.12 21.22 -19.51
CA ALA E 39 6.23 20.27 -19.48
C ALA E 39 7.20 20.42 -20.66
N ARG E 40 6.65 20.41 -21.88
CA ARG E 40 7.44 20.54 -23.10
C ARG E 40 8.26 21.85 -23.10
N LYS E 41 7.64 22.92 -22.62
CA LYS E 41 8.31 24.23 -22.61
C LYS E 41 9.52 24.27 -21.68
N VAL E 42 9.34 23.71 -20.48
CA VAL E 42 10.45 23.58 -19.54
C VAL E 42 11.55 22.73 -20.15
N ALA E 43 11.20 21.54 -20.64
CA ALA E 43 12.19 20.68 -21.27
C ALA E 43 13.00 21.46 -22.32
N ALA E 44 12.30 22.15 -23.22
CA ALA E 44 12.97 22.91 -24.28
C ALA E 44 13.88 24.02 -23.74
N GLY E 45 13.41 24.74 -22.73
CA GLY E 45 14.21 25.81 -22.13
C GLY E 45 15.48 25.28 -21.51
N CYS E 46 15.42 24.02 -21.04
CA CYS E 46 16.53 23.36 -20.38
C CYS E 46 17.49 22.68 -21.37
N GLY E 47 17.14 22.73 -22.65
CA GLY E 47 18.01 22.19 -23.68
C GLY E 47 17.56 20.88 -24.27
N LEU E 48 16.34 20.44 -23.90
CA LEU E 48 15.70 19.22 -24.43
C LEU E 48 14.51 19.49 -25.35
N ASP E 49 14.75 19.41 -26.66
CA ASP E 49 13.71 19.70 -27.62
C ASP E 49 12.86 18.48 -28.01
N ASP E 50 13.33 17.29 -27.63
CA ASP E 50 12.71 16.05 -28.10
C ASP E 50 12.52 15.00 -27.02
N PRO E 51 11.84 15.34 -25.91
CA PRO E 51 11.53 14.27 -24.95
C PRO E 51 10.60 13.21 -25.57
N THR E 52 10.70 11.98 -25.10
CA THR E 52 9.73 10.97 -25.50
C THR E 52 8.37 11.28 -24.87
N VAL E 53 7.35 11.42 -25.71
CA VAL E 53 6.01 11.76 -25.18
C VAL E 53 5.03 10.66 -25.57
N VAL E 54 4.31 10.15 -24.58
CA VAL E 54 3.36 9.08 -24.81
C VAL E 54 2.04 9.44 -24.18
N ARG E 55 0.95 9.25 -24.93
CA ARG E 55 -0.38 9.45 -24.43
C ARG E 55 -1.04 8.15 -24.03
N VAL E 56 -1.71 8.18 -22.89
CA VAL E 56 -2.57 7.09 -22.45
C VAL E 56 -3.98 7.59 -22.21
N LEU E 57 -4.92 6.67 -22.13
CA LEU E 57 -6.34 7.09 -22.07
C LEU E 57 -6.80 7.55 -20.70
N GLY E 58 -6.35 6.89 -19.63
CA GLY E 58 -6.73 7.30 -18.28
C GLY E 58 -5.52 7.28 -17.35
N ALA E 59 -5.67 7.90 -16.18
CA ALA E 59 -4.58 7.95 -15.20
C ALA E 59 -4.14 6.53 -14.79
N ILE E 60 -5.10 5.61 -14.73
CA ILE E 60 -4.80 4.21 -14.35
C ILE E 60 -3.74 3.59 -15.27
N GLU E 61 -3.74 4.00 -16.53
CA GLU E 61 -2.79 3.47 -17.50
C GLU E 61 -1.36 4.05 -17.41
N ILE E 62 -1.19 5.13 -16.64
CA ILE E 62 0.08 5.82 -16.58
C ILE E 62 1.21 4.93 -16.04
N PRO E 63 1.00 4.27 -14.89
CA PRO E 63 2.18 3.56 -14.34
C PRO E 63 2.76 2.47 -15.23
N VAL E 64 1.92 1.69 -15.92
CA VAL E 64 2.51 0.59 -16.73
C VAL E 64 3.36 1.18 -17.88
N VAL E 65 2.91 2.33 -18.38
CA VAL E 65 3.64 3.00 -19.45
C VAL E 65 4.89 3.69 -18.89
N ALA E 66 4.77 4.33 -17.74
CA ALA E 66 5.94 4.91 -17.10
C ALA E 66 7.02 3.88 -16.81
N GLN E 67 6.58 2.68 -16.45
CA GLN E 67 7.51 1.59 -16.21
C GLN E 67 8.32 1.25 -17.46
N GLU E 68 7.63 1.16 -18.59
CA GLU E 68 8.33 0.88 -19.84
C GLU E 68 9.29 2.03 -20.14
N LEU E 69 8.82 3.27 -19.99
CA LEU E 69 9.67 4.43 -20.31
C LEU E 69 10.92 4.53 -19.44
N ALA E 70 10.77 4.15 -18.17
CA ALA E 70 11.90 4.27 -17.24
C ALA E 70 13.07 3.39 -17.65
N ARG E 71 12.84 2.37 -18.49
CA ARG E 71 13.93 1.48 -18.96
C ARG E 71 14.91 2.17 -19.92
N ASN E 72 14.50 3.31 -20.49
CA ASN E 72 15.26 3.95 -21.58
C ASN E 72 15.44 5.45 -21.31
N HIS E 73 15.04 5.92 -20.11
CA HIS E 73 15.09 7.36 -19.77
C HIS E 73 15.63 7.62 -18.37
N ASP E 74 16.13 8.84 -18.17
CA ASP E 74 16.68 9.29 -16.89
C ASP E 74 15.62 9.84 -15.96
N ALA E 75 14.46 10.18 -16.52
CA ALA E 75 13.38 10.75 -15.73
C ALA E 75 12.09 10.60 -16.55
N VAL E 76 10.99 10.39 -15.83
CA VAL E 76 9.67 10.35 -16.47
C VAL E 76 8.76 11.35 -15.75
N VAL E 77 8.02 12.15 -16.52
CA VAL E 77 7.01 13.04 -15.98
C VAL E 77 5.64 12.43 -16.25
N ALA E 78 4.85 12.23 -15.21
CA ALA E 78 3.49 11.70 -15.36
C ALA E 78 2.53 12.86 -15.30
N LEU E 79 1.73 13.01 -16.35
CA LEU E 79 0.76 14.11 -16.42
C LEU E 79 -0.65 13.57 -16.56
N GLY E 80 -1.58 14.21 -15.87
CA GLY E 80 -2.98 13.87 -15.99
C GLY E 80 -3.83 14.70 -15.05
N VAL E 81 -5.12 14.36 -15.04
CA VAL E 81 -6.08 15.10 -14.26
C VAL E 81 -7.14 14.15 -13.79
N VAL E 82 -7.31 14.02 -12.49
CA VAL E 82 -8.44 13.27 -11.96
C VAL E 82 -9.29 14.26 -11.18
N ILE E 83 -10.58 14.33 -11.53
CA ILE E 83 -11.52 15.25 -10.88
C ILE E 83 -12.65 14.45 -10.21
N ARG E 84 -12.91 14.74 -8.94
CA ARG E 84 -13.92 14.00 -8.20
C ARG E 84 -15.31 14.04 -8.88
N GLY E 85 -15.99 12.91 -8.86
CA GLY E 85 -17.37 12.81 -9.35
C GLY E 85 -18.32 12.60 -8.18
N GLN E 86 -19.32 11.75 -8.38
CA GLN E 86 -20.38 11.52 -7.39
C GLN E 86 -20.16 10.31 -6.49
N THR E 87 -19.23 9.44 -6.89
CA THR E 87 -18.98 8.19 -6.20
C THR E 87 -17.58 8.20 -5.58
N PRO E 88 -17.26 7.18 -4.77
CA PRO E 88 -15.88 7.08 -4.24
C PRO E 88 -14.83 6.75 -5.28
N HIS E 89 -15.22 6.60 -6.55
CA HIS E 89 -14.27 6.14 -7.56
C HIS E 89 -13.01 6.99 -7.67
N PHE E 90 -13.16 8.31 -7.59
CA PHE E 90 -12.01 9.25 -7.55
C PHE E 90 -10.91 8.78 -6.61
N ASP E 91 -11.30 8.34 -5.42
CA ASP E 91 -10.34 7.96 -4.39
C ASP E 91 -9.48 6.79 -4.89
N TYR E 92 -10.12 5.80 -5.51
CA TYR E 92 -9.43 4.58 -5.94
C TYR E 92 -8.54 4.83 -7.14
N VAL E 93 -8.99 5.70 -8.03
CA VAL E 93 -8.14 6.09 -9.16
C VAL E 93 -6.87 6.76 -8.66
N CYS E 94 -7.02 7.68 -7.71
CA CYS E 94 -5.86 8.42 -7.23
C CYS E 94 -4.94 7.48 -6.44
N ASP E 95 -5.54 6.56 -5.67
CA ASP E 95 -4.74 5.56 -4.92
C ASP E 95 -3.92 4.74 -5.89
N ALA E 96 -4.54 4.28 -6.97
CA ALA E 96 -3.85 3.42 -7.92
C ALA E 96 -2.65 4.15 -8.52
N VAL E 97 -2.85 5.41 -8.90
CA VAL E 97 -1.77 6.20 -9.50
C VAL E 97 -0.65 6.41 -8.50
N THR E 98 -1.01 6.72 -7.25
CA THR E 98 0.00 6.97 -6.23
C THR E 98 0.82 5.72 -6.02
N GLN E 99 0.13 4.61 -5.83
CA GLN E 99 0.84 3.36 -5.59
C GLN E 99 1.71 2.96 -6.76
N GLY E 100 1.19 3.12 -7.98
CA GLY E 100 1.92 2.69 -9.17
C GLY E 100 3.15 3.52 -9.45
N LEU E 101 3.01 4.83 -9.37
CA LEU E 101 4.16 5.70 -9.70
C LEU E 101 5.24 5.56 -8.67
N THR E 102 4.85 5.42 -7.40
CA THR E 102 5.83 5.24 -6.35
C THR E 102 6.62 3.97 -6.58
N ARG E 103 5.91 2.89 -6.87
CA ARG E 103 6.56 1.63 -7.20
C ARG E 103 7.49 1.74 -8.40
N VAL E 104 7.01 2.32 -9.49
CA VAL E 104 7.85 2.39 -10.69
C VAL E 104 9.14 3.18 -10.41
N SER E 105 9.04 4.29 -9.68
CA SER E 105 10.23 5.13 -9.41
C SER E 105 11.28 4.33 -8.65
N LEU E 106 10.84 3.55 -7.68
CA LEU E 106 11.79 2.81 -6.84
C LEU E 106 12.31 1.56 -7.54
N ASP E 107 11.44 0.85 -8.25
CA ASP E 107 11.87 -0.31 -9.04
C ASP E 107 12.95 0.07 -10.02
N SER E 108 12.76 1.21 -10.68
CA SER E 108 13.66 1.62 -11.77
C SER E 108 14.75 2.58 -11.31
N SER E 109 14.74 2.98 -10.02
CA SER E 109 15.65 4.03 -9.52
C SER E 109 15.69 5.26 -10.44
N THR E 110 14.51 5.63 -10.92
CA THR E 110 14.34 6.74 -11.85
C THR E 110 13.28 7.67 -11.30
N PRO E 111 13.53 8.98 -11.31
CA PRO E 111 12.50 9.93 -10.84
C PRO E 111 11.27 9.82 -11.75
N ILE E 112 10.10 9.68 -11.14
CA ILE E 112 8.83 9.69 -11.86
C ILE E 112 8.07 10.87 -11.26
N ALA E 113 8.14 12.00 -11.92
CA ALA E 113 7.61 13.21 -11.36
C ALA E 113 6.09 13.22 -11.46
N ASN E 114 5.44 13.66 -10.39
CA ASN E 114 4.00 13.65 -10.35
C ASN E 114 3.40 14.99 -10.81
N GLY E 115 2.89 14.97 -12.04
CA GLY E 115 2.13 16.09 -12.57
C GLY E 115 0.68 15.67 -12.79
N VAL E 116 0.19 14.76 -11.96
CA VAL E 116 -1.20 14.31 -12.07
C VAL E 116 -2.03 15.10 -11.06
N LEU E 117 -2.83 16.03 -11.57
CA LEU E 117 -3.70 16.82 -10.71
C LEU E 117 -4.79 15.93 -10.11
N THR E 118 -5.14 16.18 -8.86
CA THR E 118 -6.20 15.44 -8.22
C THR E 118 -7.12 16.47 -7.55
N THR E 119 -8.19 16.85 -8.24
CA THR E 119 -8.98 17.98 -7.77
C THR E 119 -10.44 17.63 -7.46
N ASN E 120 -11.10 18.50 -6.70
CA ASN E 120 -12.54 18.32 -6.48
C ASN E 120 -13.35 18.88 -7.62
N THR E 121 -12.79 19.90 -8.28
CA THR E 121 -13.49 20.59 -9.35
C THR E 121 -12.64 20.81 -10.58
N GLU E 122 -13.32 20.96 -11.71
CA GLU E 122 -12.67 21.32 -12.95
C GLU E 122 -11.97 22.69 -12.84
N GLU E 123 -12.62 23.63 -12.16
CA GLU E 123 -12.06 24.96 -11.94
C GLU E 123 -10.68 24.86 -11.27
N GLN E 124 -10.58 24.02 -10.25
CA GLN E 124 -9.29 23.83 -9.55
C GLN E 124 -8.24 23.28 -10.50
N ALA E 125 -8.63 22.30 -11.30
CA ALA E 125 -7.67 21.67 -12.22
C ALA E 125 -7.18 22.70 -13.24
N LEU E 126 -8.11 23.47 -13.79
CA LEU E 126 -7.75 24.52 -14.74
C LEU E 126 -6.77 25.51 -14.11
N ASP E 127 -6.98 25.86 -12.84
CA ASP E 127 -6.18 26.84 -12.11
C ASP E 127 -4.76 26.35 -11.88
N ARG E 128 -4.56 25.05 -12.09
CA ARG E 128 -3.25 24.44 -11.83
C ARG E 128 -2.57 23.89 -13.07
N ALA E 129 -3.13 24.17 -14.25
CA ALA E 129 -2.64 23.58 -15.49
C ALA E 129 -1.85 24.58 -16.33
N GLY E 130 -1.58 25.75 -15.75
CA GLY E 130 -0.69 26.73 -16.39
C GLY E 130 -1.27 27.35 -17.66
N LEU E 131 -2.57 27.56 -17.64
CA LEU E 131 -3.22 28.30 -18.70
C LEU E 131 -3.00 29.80 -18.39
N PRO E 132 -3.27 30.69 -19.37
CA PRO E 132 -3.02 32.13 -19.20
C PRO E 132 -3.35 32.69 -17.81
N THR E 133 -4.54 32.39 -17.29
CA THR E 133 -4.96 32.92 -15.98
C THR E 133 -4.80 31.93 -14.81
N SER E 134 -4.10 30.81 -15.03
CA SER E 134 -3.88 29.83 -13.96
C SER E 134 -2.93 30.36 -12.91
N ALA E 135 -3.20 30.02 -11.66
CA ALA E 135 -2.32 30.37 -10.55
C ALA E 135 -0.97 29.66 -10.67
N GLU E 136 -0.95 28.49 -11.29
CA GLU E 136 0.27 27.71 -11.41
C GLU E 136 0.22 26.70 -12.54
N ASP E 137 1.39 26.15 -12.87
CA ASP E 137 1.52 25.15 -13.92
C ASP E 137 2.21 23.94 -13.36
N LYS E 138 1.39 22.96 -12.98
CA LYS E 138 1.87 21.71 -12.42
C LYS E 138 2.72 20.91 -13.41
N GLY E 139 2.42 21.01 -14.70
CA GLY E 139 3.20 20.26 -15.71
C GLY E 139 4.63 20.77 -15.78
N ALA E 140 4.79 22.09 -15.72
CA ALA E 140 6.10 22.71 -15.70
C ALA E 140 6.84 22.36 -14.42
N GLN E 141 6.13 22.45 -13.30
CA GLN E 141 6.71 22.14 -11.99
C GLN E 141 7.23 20.70 -11.98
N ALA E 142 6.41 19.78 -12.46
CA ALA E 142 6.78 18.37 -12.44
C ALA E 142 8.01 18.14 -13.31
N THR E 143 8.10 18.87 -14.41
CA THR E 143 9.22 18.70 -15.32
C THR E 143 10.53 19.21 -14.73
N VAL E 144 10.49 20.39 -14.10
CA VAL E 144 11.64 20.88 -13.35
C VAL E 144 12.06 19.84 -12.30
N ALA E 145 11.08 19.27 -11.59
CA ALA E 145 11.37 18.29 -10.54
C ALA E 145 12.09 17.09 -11.14
N ALA E 146 11.57 16.58 -12.25
CA ALA E 146 12.17 15.41 -12.92
C ALA E 146 13.60 15.68 -13.35
N LEU E 147 13.84 16.81 -14.00
CA LEU E 147 15.18 17.12 -14.51
C LEU E 147 16.17 17.35 -13.38
N ALA E 148 15.77 18.12 -12.37
CA ALA E 148 16.65 18.43 -11.27
C ALA E 148 17.06 17.14 -10.57
N THR E 149 16.08 16.25 -10.40
CA THR E 149 16.37 15.02 -9.67
C THR E 149 17.27 14.12 -10.49
N ALA E 150 17.02 14.06 -11.80
CA ALA E 150 17.90 13.30 -12.67
C ALA E 150 19.35 13.82 -12.57
N LEU E 151 19.50 15.14 -12.57
CA LEU E 151 20.85 15.71 -12.53
C LEU E 151 21.52 15.42 -11.19
N THR E 152 20.72 15.49 -10.13
CA THR E 152 21.21 15.16 -8.81
C THR E 152 21.66 13.71 -8.72
N LEU E 153 20.88 12.81 -9.29
CA LEU E 153 21.21 11.39 -9.27
C LEU E 153 22.48 11.09 -10.07
N ARG E 154 22.65 11.80 -11.18
CA ARG E 154 23.82 11.64 -12.03
C ARG E 154 25.09 11.98 -11.25
N GLU E 155 25.04 13.07 -10.49
CA GLU E 155 26.19 13.55 -9.69
C GLU E 155 26.46 12.64 -8.49
N LEU E 156 25.41 12.10 -7.89
CA LEU E 156 25.58 11.17 -6.78
C LEU E 156 26.17 9.84 -7.22
N ARG E 157 25.85 9.44 -8.44
CA ARG E 157 26.27 8.13 -8.95
C ARG E 157 27.68 8.11 -9.52
N ALA E 158 28.08 6.99 -10.11
CA ALA E 158 29.48 6.70 -10.45
C ALA E 158 30.02 7.52 -11.62
N HIS E 159 31.14 8.19 -11.34
CA HIS E 159 31.95 8.99 -12.29
C HIS E 159 33.24 9.34 -11.49
N SER E 160 34.39 9.65 -12.11
CA SER E 160 34.73 9.49 -13.51
C SER E 160 35.95 8.56 -13.62
O2P TP6 F . -23.70 -3.84 4.52
P TP6 F . -22.28 -4.29 4.22
O3P TP6 F . -21.25 -3.24 4.60
O1P TP6 F . -21.91 -5.65 4.71
O27 TP6 F . -22.31 -4.39 2.62
C19 TP6 F . -21.03 -4.55 1.92
C18 TP6 F . -20.92 -4.00 0.72
C17 TP6 F . -19.64 -4.13 0.04
C16 TP6 F . -19.26 -5.23 -0.59
C15 TP6 F . -20.15 -6.44 -0.75
N5 TP6 F . -19.33 -7.34 -1.56
C9 TP6 F . -19.03 -7.29 -2.86
C4 TP6 F . -19.42 -6.37 -3.94
O2 TP6 F . -20.18 -5.40 -3.74
N3 TP6 F . -18.93 -6.62 -5.18
C6 TP6 F . -18.65 -8.40 -1.14
O4 TP6 F . -18.66 -8.82 0.07
N7 TP6 F . -17.94 -9.04 -2.05
C8 TP6 F . -18.14 -8.41 -3.19
N1 TP6 F . -17.73 -8.55 -4.48
C2 TP6 F . -18.11 -7.67 -5.43
O1 TP6 F . -17.70 -7.85 -6.58
C10 TP6 F . -17.18 -10.25 -1.75
C11 TP6 F . -16.04 -10.58 -2.68
O19 TP6 F . -15.35 -9.50 -3.37
C12 TP6 F . -15.15 -11.71 -2.19
O21 TP6 F . -15.75 -12.67 -3.05
C13 TP6 F . -15.24 -12.19 -0.75
O23 TP6 F . -14.66 -11.22 0.13
C14 TP6 F . -14.43 -13.49 -0.58
O26 TP6 F . -13.09 -13.26 -1.02
K K G . 1.47 -10.17 -20.80
K K H . -23.38 -2.60 -21.23
K K I . 10.87 0.48 -29.61
O2P TP6 J . -11.52 0.87 21.36
P TP6 J . -10.42 0.41 20.41
O3P TP6 J . -10.30 1.33 19.23
O1P TP6 J . -9.14 0.06 21.11
O27 TP6 J . -11.04 -0.99 19.88
C19 TP6 J . -10.45 -1.60 18.71
C18 TP6 J . -11.21 -2.33 17.88
C17 TP6 J . -10.54 -2.88 16.72
C16 TP6 J . -9.85 -4.02 16.75
C15 TP6 J . -9.76 -4.89 17.98
N5 TP6 J . -9.02 -6.07 17.58
C9 TP6 J . -9.38 -7.13 16.82
C4 TP6 J . -10.66 -7.48 16.16
O2 TP6 J . -11.67 -6.75 16.22
N3 TP6 J . -10.66 -8.66 15.46
C6 TP6 J . -7.74 -6.34 17.88
O4 TP6 J . -7.01 -5.56 18.59
N7 TP6 J . -7.23 -7.48 17.39
C8 TP6 J . -8.22 -8.05 16.69
N1 TP6 J . -8.38 -9.19 15.97
C2 TP6 J . -9.57 -9.48 15.37
O1 TP6 J . -9.66 -10.56 14.73
C10 TP6 J . -5.86 -7.89 17.66
C11 TP6 J . -5.19 -8.74 16.60
O19 TP6 J . -5.62 -8.54 15.25
C12 TP6 J . -3.68 -8.83 16.72
O21 TP6 J . -3.66 -10.13 17.29
C13 TP6 J . -2.93 -7.88 17.66
O23 TP6 J . -2.78 -6.57 17.09
C14 TP6 J . -1.54 -8.45 17.90
O26 TP6 J . -0.85 -8.65 16.64
K K K . -0.82 -22.91 -3.87
K K L . -22.95 -19.85 9.47
K K M . -5.04 -24.05 -20.04
O2P TP6 N . 0.28 18.06 16.45
P TP6 N . 1.01 17.04 15.57
O3P TP6 N . 0.08 16.53 14.49
O1P TP6 N . 2.34 17.54 15.08
O27 TP6 N . 1.32 15.81 16.53
C19 TP6 N . 1.57 14.51 15.92
C18 TP6 N . 1.25 13.38 16.54
C17 TP6 N . 1.53 12.16 15.80
C16 TP6 N . 2.71 11.55 15.91
C15 TP6 N . 3.77 12.07 16.85
N5 TP6 N . 4.84 11.10 16.74
C9 TP6 N . 4.98 9.87 17.27
C4 TP6 N . 4.11 9.07 18.16
O2 TP6 N . 3.02 9.49 18.58
N3 TP6 N . 4.56 7.85 18.52
C6 TP6 N . 5.96 11.24 16.03
O4 TP6 N . 6.22 12.30 15.35
N7 TP6 N . 6.81 10.22 16.04
C8 TP6 N . 6.26 9.30 16.82
N1 TP6 N . 6.59 8.07 17.26
C2 TP6 N . 5.75 7.37 18.06
O1 TP6 N . 6.10 6.24 18.43
C10 TP6 N . 8.07 10.26 15.32
C11 TP6 N . 8.68 8.92 14.97
O19 TP6 N . 7.81 7.83 14.65
C12 TP6 N . 9.86 9.02 14.01
O21 TP6 N . 10.86 8.86 14.99
C13 TP6 N . 10.12 10.33 13.25
O23 TP6 N . 9.13 10.56 12.22
C14 TP6 N . 11.50 10.27 12.62
O26 TP6 N . 11.66 9.11 11.79
K K O . 12.38 -15.83 11.56
K K P . 1.59 -3.10 31.65
K K Q . 3.80 -30.08 8.56
O2P TP6 R . -4.39 23.82 -3.39
P TP6 R . -3.69 22.50 -3.70
O3P TP6 R . -4.41 21.32 -3.13
O1P TP6 R . -3.22 22.38 -5.14
O27 TP6 R . -2.36 22.61 -2.84
C19 TP6 R . -1.59 21.41 -2.61
C18 TP6 R . -0.91 21.26 -1.46
C17 TP6 R . -0.18 20.01 -1.34
C16 TP6 R . 1.05 19.86 -1.84
C15 TP6 R . 1.84 20.97 -2.49
N5 TP6 R . 3.13 20.37 -2.82
C9 TP6 R . 4.22 20.13 -2.06
C4 TP6 R . 4.51 20.41 -0.64
O2 TP6 R . 3.68 20.96 0.13
N3 TP6 R . 5.73 20.04 -0.18
C6 TP6 R . 3.51 19.89 -4.02
O4 TP6 R . 2.77 19.91 -5.07
N7 TP6 R . 4.73 19.36 -4.10
C8 TP6 R . 5.26 19.49 -2.88
N1 TP6 R . 6.45 19.16 -2.29
C2 TP6 R . 6.65 19.43 -0.99
O1 TP6 R . 7.74 19.13 -0.50
C10 TP6 R . 5.26 18.82 -5.34
C11 TP6 R . 6.36 17.81 -5.21
O19 TP6 R . 6.35 16.92 -4.10
C12 TP6 R . 6.71 17.09 -6.50
O21 TP6 R . 7.89 17.87 -6.65
C13 TP6 R . 5.82 17.23 -7.75
O23 TP6 R . 4.54 16.58 -7.59
C14 TP6 R . 6.51 16.65 -8.98
O26 TP6 R . 6.98 15.32 -8.73
K K S . 22.98 1.21 3.87
K K T . 15.93 24.51 13.52
S1 DTU U . 24.65 11.52 19.51
C1 DTU U . 24.56 9.82 19.73
C2 DTU U . 23.69 9.75 18.61
O2 DTU U . 24.36 8.97 17.73
C3 DTU U . 22.38 9.15 18.71
O3 DTU U . 22.21 8.32 19.42
C4 DTU U . 21.31 10.11 18.88
S4 DTU U . 21.08 9.89 20.63
O2P TP6 V . -19.36 10.18 -10.66
P TP6 V . -18.19 9.20 -10.64
O3P TP6 V . -17.67 8.95 -9.24
O1P TP6 V . -18.40 7.99 -11.51
O27 TP6 V . -17.05 10.04 -11.41
C19 TP6 V . -15.65 9.65 -11.21
C18 TP6 V . -14.67 10.53 -11.34
C17 TP6 V . -13.35 9.95 -11.09
C16 TP6 V . -12.63 9.45 -12.08
C15 TP6 V . -13.04 9.53 -13.53
N5 TP6 V . -11.92 8.97 -14.27
C9 TP6 V . -10.76 9.53 -14.63
C4 TP6 V . -10.19 10.89 -14.44
O2 TP6 V . -10.82 11.80 -13.84
N3 TP6 V . -8.95 11.10 -14.95
C6 TP6 V . -11.84 7.74 -14.73
O4 TP6 V . -12.79 6.86 -14.58
N7 TP6 V . -10.72 7.42 -15.37
C8 TP6 V . -9.95 8.52 -15.36
N1 TP6 V . -8.74 8.89 -15.83
C2 TP6 V . -8.24 10.13 -15.61
O1 TP6 V . -7.12 10.42 -16.09
C10 TP6 V . -10.53 6.09 -15.94
C11 TP6 V . -9.11 5.64 -16.15
O19 TP6 V . -8.06 6.18 -15.37
C12 TP6 V . -8.93 4.18 -16.52
O21 TP6 V . -8.68 4.44 -17.88
C13 TP6 V . -10.11 3.23 -16.43
O23 TP6 V . -10.40 2.97 -15.05
C14 TP6 V . -9.71 1.94 -17.16
O26 TP6 V . -8.53 1.38 -16.57
K K W . 16.27 4.70 -15.99
K K X . 0.48 25.19 -19.46
S1 DTU Y . 17.00 23.23 -12.17
C1 DTU Y . 18.03 21.85 -12.35
C2 DTU Y . 17.63 21.58 -13.68
O2 DTU Y . 16.26 21.65 -13.78
C3 DTU Y . 18.17 22.36 -14.76
O3 DTU Y . 19.24 22.20 -15.06
C4 DTU Y . 17.41 22.23 -16.00
S4 DTU Y . 17.32 23.98 -16.34
C1 MPD Z . 1.55 -1.85 0.42
C2 MPD Z . 1.18 -0.58 -0.33
O2 MPD Z . 0.36 -0.96 -1.46
CM MPD Z . 2.43 0.10 -0.88
C3 MPD Z . 0.44 0.38 0.62
C4 MPD Z . -0.89 0.89 0.10
O4 MPD Z . -1.76 -0.20 -0.01
C5 MPD Z . -1.53 1.90 1.06
#